data_8BLA
#
_entry.id   8BLA
#
_cell.length_a   1.00
_cell.length_b   1.00
_cell.length_c   1.00
_cell.angle_alpha   90.00
_cell.angle_beta   90.00
_cell.angle_gamma   90.00
#
_symmetry.space_group_name_H-M   'P 1'
#
loop_
_entity.id
_entity.type
_entity.pdbx_description
1 polymer '5-hydroxytryptamine receptor 3A'
2 branched 2-acetamido-2-deoxy-beta-D-glucopyranose-(1-4)-2-acetamido-2-deoxy-beta-D-glucopyranose
3 non-polymer 2-acetamido-2-deoxy-beta-D-glucopyranose
4 non-polymer Vortioxetine
#
_entity_poly.entity_id   1
_entity_poly.type   'polypeptide(L)'
_entity_poly.pdbx_seq_one_letter_code
;TTRPALLRLSDYLLTNYRKGVRPVRDWRKPTTVSIDVIVYAILNVDEKNQVLTTYIWYRQYWTDEFLQWNPEDFDNITKL
SIPTDSIWVPDILINEFVDVGKSPNIPYVYIRHQGEVQNYKPLQVVTACSLDIYNFPFDVQNCSLTFTSWLHTIQDINIS
LWRLPEKVKSDRSVFMNQGEWELLGVLPYFREFSMESSNYYAEMKFYVVIRRRPLFYVVSLLLPSIFLMVMDIVGFYLPP
NSGERVSFKITLLLGYSVFLIIVSDTLPATAIGTPLIGVYFVVCMALLVISLAETIFIVRLVHKQDLQQPVPAWLRHLVL
ERIAWLLCLASLAVCGLLQELSSIRQFLEKRDEIREVARDWLRVGSVLDKLLFHIYLLAVLAYSITLVMLWSIWQYA
;
_entity_poly.pdbx_strand_id   A,B,C,D,E
#
# COMPACT_ATOMS: atom_id res chain seq x y z
N ARG A 3 11.01 -32.73 -18.04
CA ARG A 3 10.21 -31.56 -17.59
C ARG A 3 8.73 -31.93 -17.48
N PRO A 4 8.09 -31.53 -16.38
CA PRO A 4 6.65 -31.77 -16.24
C PRO A 4 5.86 -30.92 -17.22
N ALA A 5 4.67 -31.42 -17.57
CA ALA A 5 3.87 -30.79 -18.61
C ALA A 5 3.52 -29.35 -18.25
N LEU A 6 3.16 -29.10 -16.99
CA LEU A 6 2.76 -27.75 -16.58
C LEU A 6 3.89 -26.76 -16.80
N LEU A 7 5.11 -27.13 -16.41
CA LEU A 7 6.25 -26.24 -16.56
C LEU A 7 6.56 -25.99 -18.04
N ARG A 8 6.50 -27.03 -18.86
CA ARG A 8 6.73 -26.86 -20.29
C ARG A 8 5.70 -25.90 -20.88
N LEU A 9 4.44 -26.06 -20.53
CA LEU A 9 3.40 -25.19 -21.06
C LEU A 9 3.59 -23.76 -20.60
N SER A 10 3.91 -23.57 -19.32
CA SER A 10 4.11 -22.22 -18.80
C SER A 10 5.27 -21.53 -19.51
N ASP A 11 6.36 -22.24 -19.73
CA ASP A 11 7.48 -21.67 -20.48
C ASP A 11 7.07 -21.32 -21.90
N TYR A 12 6.48 -22.30 -22.60
CA TYR A 12 6.07 -22.08 -23.98
C TYR A 12 5.16 -20.87 -24.11
N LEU A 13 4.33 -20.63 -23.10
CA LEU A 13 3.40 -19.51 -23.16
C LEU A 13 4.06 -18.19 -22.82
N LEU A 14 4.73 -18.12 -21.67
CA LEU A 14 5.16 -16.83 -21.12
C LEU A 14 6.56 -16.41 -21.54
N THR A 15 7.33 -17.28 -22.21
CA THR A 15 8.66 -16.88 -22.65
C THR A 15 8.63 -16.01 -23.90
N ASN A 16 7.53 -16.04 -24.65
CA ASN A 16 7.40 -15.25 -25.87
C ASN A 16 6.13 -14.41 -25.78
N TYR A 17 5.91 -13.77 -24.63
CA TYR A 17 4.69 -13.02 -24.38
C TYR A 17 5.03 -11.86 -23.46
N ARG A 18 4.41 -10.71 -23.72
CA ARG A 18 4.55 -9.52 -22.90
C ARG A 18 3.20 -8.88 -22.66
N LYS A 19 3.05 -8.33 -21.46
CA LYS A 19 1.75 -7.94 -20.91
C LYS A 19 1.31 -6.55 -21.34
N GLY A 20 2.18 -5.76 -21.97
CA GLY A 20 1.81 -4.40 -22.30
C GLY A 20 0.73 -4.30 -23.37
N VAL A 21 0.81 -5.15 -24.38
CA VAL A 21 -0.05 -4.99 -25.55
C VAL A 21 -1.40 -5.66 -25.31
N ARG A 22 -2.39 -5.21 -26.07
CA ARG A 22 -3.69 -5.86 -26.08
C ARG A 22 -3.59 -7.18 -26.84
N PRO A 23 -4.01 -8.30 -26.26
CA PRO A 23 -3.73 -9.62 -26.87
C PRO A 23 -4.66 -9.97 -28.03
N VAL A 24 -4.34 -9.42 -29.20
CA VAL A 24 -5.07 -9.71 -30.43
C VAL A 24 -4.06 -9.82 -31.58
N ARG A 25 -4.27 -10.81 -32.45
CA ARG A 25 -3.41 -10.96 -33.62
C ARG A 25 -3.55 -9.76 -34.56
N ASP A 26 -4.78 -9.29 -34.76
CA ASP A 26 -5.05 -8.14 -35.62
C ASP A 26 -5.57 -7.00 -34.75
N TRP A 27 -4.89 -5.84 -34.83
CA TRP A 27 -5.28 -4.69 -34.03
C TRP A 27 -6.64 -4.13 -34.44
N ARG A 28 -7.15 -4.52 -35.60
CA ARG A 28 -8.39 -3.96 -36.12
C ARG A 28 -9.63 -4.54 -35.45
N LYS A 29 -9.47 -5.57 -34.61
CA LYS A 29 -10.62 -6.21 -33.98
C LYS A 29 -10.65 -5.88 -32.48
N PRO A 30 -11.83 -5.63 -31.91
CA PRO A 30 -11.90 -5.33 -30.48
C PRO A 30 -11.77 -6.59 -29.63
N THR A 31 -11.45 -6.35 -28.36
CA THR A 31 -11.31 -7.43 -27.38
C THR A 31 -12.58 -7.49 -26.56
N THR A 32 -13.46 -8.42 -26.91
CA THR A 32 -14.74 -8.56 -26.23
C THR A 32 -14.54 -9.18 -24.85
N VAL A 33 -15.14 -8.56 -23.83
CA VAL A 33 -15.06 -9.02 -22.46
C VAL A 33 -16.47 -9.31 -21.97
N SER A 34 -16.68 -10.52 -21.46
CA SER A 34 -17.96 -10.93 -20.90
C SER A 34 -17.85 -10.93 -19.38
N ILE A 35 -18.79 -10.24 -18.72
CA ILE A 35 -18.74 -10.04 -17.28
C ILE A 35 -20.03 -10.56 -16.66
N ASP A 36 -19.94 -10.86 -15.36
CA ASP A 36 -21.09 -11.30 -14.58
C ASP A 36 -20.97 -10.73 -13.18
N VAL A 37 -22.12 -10.50 -12.55
CA VAL A 37 -22.17 -9.90 -11.22
C VAL A 37 -23.12 -10.71 -10.35
N ILE A 38 -22.65 -11.08 -9.16
CA ILE A 38 -23.47 -11.73 -8.14
C ILE A 38 -23.32 -10.95 -6.85
N VAL A 39 -24.44 -10.58 -6.25
CA VAL A 39 -24.45 -9.76 -5.04
C VAL A 39 -24.42 -10.69 -3.85
N TYR A 40 -23.29 -10.70 -3.14
CA TYR A 40 -23.12 -11.61 -2.00
C TYR A 40 -23.69 -11.02 -0.72
N ALA A 41 -23.65 -9.71 -0.56
CA ALA A 41 -24.18 -9.07 0.63
C ALA A 41 -24.26 -7.56 0.40
N ILE A 42 -25.08 -6.91 1.23
CA ILE A 42 -25.21 -5.46 1.24
C ILE A 42 -24.84 -5.00 2.64
N LEU A 43 -23.58 -4.64 2.83
CA LEU A 43 -23.07 -4.38 4.17
C LEU A 43 -23.72 -3.14 4.78
N ASN A 44 -23.83 -2.05 4.03
CA ASN A 44 -24.30 -0.79 4.58
C ASN A 44 -24.98 0.03 3.50
N VAL A 45 -26.03 0.74 3.90
CA VAL A 45 -26.73 1.70 3.04
C VAL A 45 -26.81 3.00 3.83
N ASP A 46 -26.04 3.99 3.42
CA ASP A 46 -25.91 5.25 4.14
C ASP A 46 -26.72 6.32 3.42
N GLU A 47 -27.86 6.69 4.00
CA GLU A 47 -28.65 7.78 3.46
C GLU A 47 -28.01 9.14 3.75
N LYS A 48 -27.29 9.25 4.87
CA LYS A 48 -26.66 10.51 5.22
C LYS A 48 -25.64 10.92 4.17
N ASN A 49 -24.73 10.01 3.83
CA ASN A 49 -23.69 10.28 2.84
C ASN A 49 -24.10 9.88 1.43
N GLN A 50 -25.29 9.31 1.25
CA GLN A 50 -25.79 8.91 -0.06
C GLN A 50 -24.86 7.90 -0.72
N VAL A 51 -24.36 6.95 0.07
CA VAL A 51 -23.53 5.87 -0.44
C VAL A 51 -23.99 4.56 0.18
N LEU A 52 -23.79 3.47 -0.55
CA LEU A 52 -24.07 2.14 -0.05
C LEU A 52 -22.91 1.22 -0.41
N THR A 53 -22.68 0.23 0.44
CA THR A 53 -21.62 -0.74 0.26
C THR A 53 -22.21 -2.08 -0.18
N THR A 54 -21.62 -2.66 -1.21
CA THR A 54 -22.04 -3.96 -1.74
C THR A 54 -20.84 -4.87 -1.86
N TYR A 55 -20.94 -6.06 -1.30
CA TYR A 55 -19.93 -7.10 -1.44
C TYR A 55 -20.45 -8.05 -2.52
N ILE A 56 -19.90 -7.92 -3.72
CA ILE A 56 -20.37 -8.65 -4.90
C ILE A 56 -19.25 -9.52 -5.42
N TRP A 57 -19.59 -10.71 -5.88
CA TRP A 57 -18.65 -11.62 -6.52
C TRP A 57 -18.63 -11.33 -8.01
N TYR A 58 -17.49 -10.91 -8.52
CA TYR A 58 -17.33 -10.47 -9.90
C TYR A 58 -16.47 -11.47 -10.66
N ARG A 59 -16.94 -11.89 -11.82
CA ARG A 59 -16.18 -12.76 -12.70
C ARG A 59 -16.30 -12.27 -14.13
N GLN A 60 -15.23 -12.42 -14.89
CA GLN A 60 -15.18 -11.99 -16.27
C GLN A 60 -14.26 -12.90 -17.05
N TYR A 61 -14.44 -12.93 -18.37
CA TYR A 61 -13.56 -13.72 -19.22
C TYR A 61 -13.38 -13.02 -20.55
N TRP A 62 -12.21 -13.26 -21.16
CA TRP A 62 -11.88 -12.70 -22.47
C TRP A 62 -10.92 -13.64 -23.16
N THR A 63 -10.61 -13.32 -24.42
CA THR A 63 -9.79 -14.18 -25.27
C THR A 63 -8.42 -13.55 -25.48
N ASP A 64 -7.37 -14.27 -25.10
CA ASP A 64 -6.00 -13.90 -25.38
C ASP A 64 -5.53 -14.72 -26.58
N GLU A 65 -5.44 -14.08 -27.74
CA GLU A 65 -5.08 -14.80 -28.96
C GLU A 65 -3.64 -15.30 -28.94
N PHE A 66 -2.80 -14.81 -28.03
CA PHE A 66 -1.43 -15.30 -27.90
C PHE A 66 -1.33 -16.49 -26.96
N LEU A 67 -2.18 -16.54 -25.95
CA LEU A 67 -2.10 -17.55 -24.89
C LEU A 67 -2.94 -18.78 -25.23
N GLN A 68 -2.66 -19.38 -26.38
CA GLN A 68 -3.37 -20.57 -26.86
C GLN A 68 -2.36 -21.63 -27.27
N TRP A 69 -2.77 -22.89 -27.14
CA TRP A 69 -1.90 -24.02 -27.41
C TRP A 69 -2.75 -25.21 -27.82
N ASN A 70 -2.07 -26.24 -28.36
CA ASN A 70 -2.73 -27.48 -28.73
C ASN A 70 -2.49 -28.50 -27.63
N PRO A 71 -3.53 -28.99 -26.94
CA PRO A 71 -3.29 -29.79 -25.72
C PRO A 71 -2.44 -31.03 -25.95
N GLU A 72 -2.60 -31.72 -27.09
CA GLU A 72 -1.92 -33.00 -27.26
C GLU A 72 -0.40 -32.87 -27.25
N ASP A 73 0.13 -31.66 -27.39
CA ASP A 73 1.57 -31.44 -27.26
C ASP A 73 2.01 -31.18 -25.83
N PHE A 74 1.08 -31.06 -24.89
CA PHE A 74 1.39 -30.73 -23.50
C PHE A 74 0.62 -31.65 -22.55
N ASP A 75 0.65 -32.95 -22.83
CA ASP A 75 0.01 -33.95 -21.98
C ASP A 75 -1.48 -33.68 -21.81
N ASN A 76 -2.12 -33.23 -22.89
CA ASN A 76 -3.56 -33.02 -22.93
C ASN A 76 -4.02 -32.06 -21.83
N ILE A 77 -3.21 -31.04 -21.56
CA ILE A 77 -3.59 -30.01 -20.60
C ILE A 77 -4.59 -29.08 -21.26
N THR A 78 -5.82 -29.08 -20.75
CA THR A 78 -6.88 -28.24 -21.31
C THR A 78 -6.98 -26.88 -20.64
N LYS A 79 -6.58 -26.78 -19.38
CA LYS A 79 -6.60 -25.51 -18.68
C LYS A 79 -5.54 -25.51 -17.59
N LEU A 80 -5.06 -24.31 -17.26
CA LEU A 80 -4.05 -24.13 -16.22
C LEU A 80 -4.20 -22.74 -15.64
N SER A 81 -3.58 -22.53 -14.48
CA SER A 81 -3.65 -21.27 -13.75
C SER A 81 -2.28 -20.62 -13.69
N ILE A 82 -2.23 -19.32 -13.97
CA ILE A 82 -1.00 -18.54 -13.87
C ILE A 82 -1.32 -17.20 -13.24
N PRO A 83 -0.30 -16.51 -12.71
CA PRO A 83 -0.56 -15.26 -12.00
C PRO A 83 -1.25 -14.23 -12.89
N THR A 84 -2.14 -13.46 -12.27
CA THR A 84 -2.89 -12.46 -13.02
C THR A 84 -1.99 -11.31 -13.49
N ASP A 85 -0.90 -11.05 -12.78
CA ASP A 85 0.02 -9.97 -13.12
C ASP A 85 0.99 -10.34 -14.23
N SER A 86 0.93 -11.57 -14.73
CA SER A 86 1.81 -12.01 -15.80
C SER A 86 1.15 -11.92 -17.18
N ILE A 87 -0.08 -11.40 -17.26
CA ILE A 87 -0.82 -11.32 -18.51
C ILE A 87 -1.53 -9.98 -18.59
N TRP A 88 -2.03 -9.67 -19.78
CA TRP A 88 -2.83 -8.48 -19.97
C TRP A 88 -4.20 -8.65 -19.32
N VAL A 89 -4.65 -7.61 -18.64
CA VAL A 89 -5.94 -7.62 -17.95
C VAL A 89 -6.69 -6.35 -18.31
N PRO A 90 -7.95 -6.44 -18.75
CA PRO A 90 -8.67 -5.24 -19.16
C PRO A 90 -8.88 -4.29 -17.97
N ASP A 91 -8.87 -2.99 -18.28
CA ASP A 91 -9.10 -1.98 -17.26
C ASP A 91 -10.60 -1.72 -17.11
N ILE A 92 -11.36 -2.79 -16.88
CA ILE A 92 -12.81 -2.68 -16.71
C ILE A 92 -13.06 -2.24 -15.27
N LEU A 93 -13.41 -0.97 -15.10
CA LEU A 93 -13.57 -0.36 -13.79
C LEU A 93 -15.00 0.14 -13.62
N ILE A 94 -15.48 0.07 -12.39
CA ILE A 94 -16.84 0.49 -12.05
C ILE A 94 -16.83 1.97 -11.74
N ASN A 95 -17.59 2.75 -12.49
CA ASN A 95 -17.76 4.16 -12.18
C ASN A 95 -18.64 4.31 -10.93
N GLU A 96 -18.93 5.55 -10.58
CA GLU A 96 -19.75 5.88 -9.42
C GLU A 96 -19.13 5.39 -8.12
N PHE A 97 -17.87 4.95 -8.14
CA PHE A 97 -17.23 4.41 -6.96
C PHE A 97 -16.72 5.52 -6.06
N VAL A 98 -16.63 5.20 -4.77
CA VAL A 98 -16.04 6.11 -3.79
C VAL A 98 -14.91 5.47 -2.99
N ASP A 99 -14.84 4.14 -2.94
CA ASP A 99 -13.74 3.45 -2.26
C ASP A 99 -13.73 2.00 -2.70
N VAL A 100 -12.59 1.54 -3.21
CA VAL A 100 -12.43 0.16 -3.64
C VAL A 100 -11.21 -0.51 -3.04
N GLY A 101 -10.46 0.19 -2.18
CA GLY A 101 -9.24 -0.37 -1.63
C GLY A 101 -9.45 -1.61 -0.78
N LYS A 102 -10.66 -1.82 -0.28
CA LYS A 102 -10.95 -2.99 0.55
C LYS A 102 -10.87 -4.29 -0.24
N SER A 103 -10.87 -4.23 -1.57
CA SER A 103 -10.87 -5.44 -2.38
C SER A 103 -9.45 -6.02 -2.45
N PRO A 104 -9.25 -7.28 -2.08
CA PRO A 104 -7.93 -7.89 -2.24
C PRO A 104 -7.67 -8.29 -3.68
N ASN A 105 -6.40 -8.24 -4.06
CA ASN A 105 -5.99 -8.60 -5.42
C ASN A 105 -5.81 -10.11 -5.51
N ILE A 106 -6.60 -10.75 -6.36
CA ILE A 106 -6.51 -12.20 -6.51
C ILE A 106 -5.25 -12.55 -7.30
N PRO A 107 -4.46 -13.54 -6.87
CA PRO A 107 -3.19 -13.80 -7.59
C PRO A 107 -3.38 -14.45 -8.95
N TYR A 108 -4.25 -15.45 -9.07
CA TYR A 108 -4.26 -16.34 -10.21
C TYR A 108 -5.50 -16.14 -11.06
N VAL A 109 -5.38 -16.54 -12.33
CA VAL A 109 -6.49 -16.56 -13.27
C VAL A 109 -6.41 -17.86 -14.07
N TYR A 110 -7.58 -18.43 -14.36
CA TYR A 110 -7.65 -19.65 -15.16
C TYR A 110 -7.54 -19.33 -16.64
N ILE A 111 -6.92 -20.24 -17.38
CA ILE A 111 -6.71 -20.09 -18.81
C ILE A 111 -6.97 -21.43 -19.48
N ARG A 112 -7.62 -21.39 -20.64
CA ARG A 112 -7.97 -22.58 -21.40
C ARG A 112 -7.26 -22.56 -22.74
N HIS A 113 -7.10 -23.75 -23.33
CA HIS A 113 -6.26 -23.91 -24.50
C HIS A 113 -6.77 -23.14 -25.71
N GLN A 114 -8.04 -22.72 -25.69
CA GLN A 114 -8.56 -21.89 -26.78
C GLN A 114 -8.01 -20.47 -26.74
N GLY A 115 -7.40 -20.07 -25.63
CA GLY A 115 -7.01 -18.70 -25.39
C GLY A 115 -7.91 -17.95 -24.44
N GLU A 116 -9.00 -18.57 -23.99
CA GLU A 116 -9.93 -17.92 -23.08
C GLU A 116 -9.30 -17.76 -21.71
N VAL A 117 -9.45 -16.57 -21.13
CA VAL A 117 -8.96 -16.25 -19.80
C VAL A 117 -10.16 -16.00 -18.91
N GLN A 118 -10.19 -16.65 -17.74
CA GLN A 118 -11.25 -16.47 -16.76
C GLN A 118 -10.68 -15.88 -15.49
N ASN A 119 -11.26 -14.76 -15.05
CA ASN A 119 -10.79 -14.05 -13.87
C ASN A 119 -11.94 -13.92 -12.88
N TYR A 120 -11.78 -14.52 -11.71
CA TYR A 120 -12.74 -14.42 -10.62
C TYR A 120 -12.12 -13.56 -9.52
N LYS A 121 -12.85 -12.53 -9.09
CA LYS A 121 -12.33 -11.62 -8.09
C LYS A 121 -13.50 -11.09 -7.25
N PRO A 122 -13.26 -10.79 -5.97
CA PRO A 122 -14.28 -10.11 -5.18
C PRO A 122 -14.15 -8.60 -5.25
N LEU A 123 -15.28 -7.93 -4.99
CA LEU A 123 -15.33 -6.47 -5.01
C LEU A 123 -16.03 -5.99 -3.75
N GLN A 124 -15.33 -5.15 -2.99
CA GLN A 124 -15.87 -4.52 -1.78
C GLN A 124 -16.18 -3.05 -2.04
N VAL A 125 -16.70 -2.76 -3.23
CA VAL A 125 -16.84 -1.38 -3.67
C VAL A 125 -17.97 -0.68 -2.93
N VAL A 126 -17.75 0.58 -2.59
CA VAL A 126 -18.79 1.47 -2.09
C VAL A 126 -19.07 2.51 -3.18
N THR A 127 -20.33 2.68 -3.52
CA THR A 127 -20.73 3.52 -4.64
C THR A 127 -21.58 4.68 -4.15
N ALA A 128 -21.52 5.79 -4.88
CA ALA A 128 -22.31 6.97 -4.58
C ALA A 128 -23.53 6.99 -5.50
N CYS A 129 -24.72 6.97 -4.89
CA CYS A 129 -25.96 7.01 -5.67
C CYS A 129 -27.04 7.66 -4.81
N SER A 130 -28.08 8.13 -5.49
CA SER A 130 -29.16 8.85 -4.81
C SER A 130 -30.00 7.88 -4.00
N LEU A 131 -30.13 8.15 -2.69
CA LEU A 131 -30.93 7.34 -1.80
C LEU A 131 -31.89 8.26 -1.05
N ASP A 132 -33.16 8.20 -1.41
CA ASP A 132 -34.19 8.98 -0.75
C ASP A 132 -34.81 8.20 0.39
N ILE A 133 -35.18 8.92 1.45
CA ILE A 133 -35.73 8.30 2.66
C ILE A 133 -37.19 8.71 2.80
N TYR A 134 -37.84 8.99 1.66
CA TYR A 134 -39.22 9.44 1.67
C TYR A 134 -40.15 8.38 2.26
N ASN A 135 -39.94 7.12 1.90
CA ASN A 135 -40.79 6.01 2.33
C ASN A 135 -40.08 5.17 3.39
N PHE A 136 -39.42 5.84 4.34
CA PHE A 136 -38.51 5.20 5.30
C PHE A 136 -39.02 3.86 5.82
N PRO A 137 -40.22 3.80 6.41
CA PRO A 137 -40.65 2.51 7.00
C PRO A 137 -40.70 1.38 5.98
N PHE A 138 -41.10 1.68 4.75
CA PHE A 138 -41.20 0.70 3.68
C PHE A 138 -40.40 1.18 2.46
N ASP A 139 -39.21 1.70 2.72
CA ASP A 139 -38.41 2.31 1.67
C ASP A 139 -37.92 1.26 0.67
N VAL A 140 -37.90 1.65 -0.60
CA VAL A 140 -37.33 0.86 -1.68
C VAL A 140 -36.33 1.74 -2.43
N GLN A 141 -35.10 1.24 -2.57
CA GLN A 141 -34.02 2.01 -3.18
C GLN A 141 -33.62 1.39 -4.50
N ASN A 142 -32.99 2.21 -5.34
CA ASN A 142 -32.60 1.82 -6.70
C ASN A 142 -31.23 2.42 -6.99
N CYS A 143 -30.18 1.65 -6.72
CA CYS A 143 -28.81 2.08 -6.96
C CYS A 143 -28.22 1.26 -8.11
N SER A 144 -27.25 1.84 -8.80
CA SER A 144 -26.73 1.28 -10.03
C SER A 144 -25.22 1.09 -9.96
N LEU A 145 -24.75 0.02 -10.58
CA LEU A 145 -23.33 -0.22 -10.83
C LEU A 145 -23.11 -0.27 -12.32
N THR A 146 -22.19 0.54 -12.81
CA THR A 146 -21.86 0.59 -14.23
C THR A 146 -20.39 0.22 -14.41
N PHE A 147 -20.15 -0.86 -15.15
CA PHE A 147 -18.80 -1.34 -15.43
C PHE A 147 -18.41 -0.92 -16.84
N THR A 148 -17.24 -0.32 -16.97
CA THR A 148 -16.79 0.19 -18.25
C THR A 148 -15.28 0.01 -18.39
N SER A 149 -14.83 -0.09 -19.63
CA SER A 149 -13.41 0.03 -19.93
C SER A 149 -13.01 1.50 -19.74
N TRP A 150 -12.28 1.78 -18.66
CA TRP A 150 -12.06 3.16 -18.25
C TRP A 150 -11.45 3.98 -19.38
N LEU A 151 -10.42 3.44 -20.02
CA LEU A 151 -9.68 4.15 -21.07
C LEU A 151 -10.05 3.67 -22.46
N HIS A 152 -10.04 2.36 -22.69
CA HIS A 152 -10.23 1.83 -24.03
C HIS A 152 -11.63 2.13 -24.55
N THR A 153 -11.71 2.49 -25.83
CA THR A 153 -12.97 2.73 -26.49
C THR A 153 -13.63 1.41 -26.88
N ILE A 154 -14.82 1.50 -27.47
CA ILE A 154 -15.53 0.30 -27.89
C ILE A 154 -14.74 -0.44 -28.97
N GLN A 155 -14.01 0.31 -29.80
CA GLN A 155 -13.22 -0.31 -30.87
C GLN A 155 -12.04 -1.12 -30.34
N ASP A 156 -11.72 -1.00 -29.05
CA ASP A 156 -10.67 -1.78 -28.42
C ASP A 156 -11.19 -2.77 -27.40
N ILE A 157 -12.12 -2.37 -26.54
CA ILE A 157 -12.71 -3.24 -25.54
C ILE A 157 -14.22 -3.08 -25.59
N ASN A 158 -14.93 -4.21 -25.62
CA ASN A 158 -16.38 -4.22 -25.55
C ASN A 158 -16.81 -5.16 -24.43
N ILE A 159 -17.95 -4.83 -23.81
CA ILE A 159 -18.43 -5.51 -22.62
C ILE A 159 -19.73 -6.22 -22.94
N SER A 160 -19.84 -7.48 -22.53
CA SER A 160 -21.03 -8.28 -22.74
C SER A 160 -21.34 -9.06 -21.47
N LEU A 161 -22.45 -9.80 -21.50
CA LEU A 161 -22.90 -10.58 -20.36
C LEU A 161 -22.44 -12.03 -20.47
N TRP A 162 -21.93 -12.56 -19.36
CA TRP A 162 -21.60 -13.99 -19.32
C TRP A 162 -22.85 -14.84 -19.42
N ARG A 163 -23.85 -14.54 -18.60
CA ARG A 163 -25.10 -15.28 -18.56
C ARG A 163 -26.21 -14.48 -19.23
N LEU A 164 -27.34 -15.13 -19.44
CA LEU A 164 -28.49 -14.46 -20.02
C LEU A 164 -29.02 -13.41 -19.03
N PRO A 165 -29.59 -12.31 -19.53
CA PRO A 165 -30.00 -11.24 -18.61
C PRO A 165 -31.01 -11.68 -17.57
N GLU A 166 -31.95 -12.56 -17.94
CA GLU A 166 -32.99 -12.93 -16.99
C GLU A 166 -32.45 -13.82 -15.88
N LYS A 167 -31.45 -14.66 -16.16
CA LYS A 167 -30.88 -15.50 -15.12
C LYS A 167 -30.14 -14.69 -14.08
N VAL A 168 -29.44 -13.64 -14.50
CA VAL A 168 -28.73 -12.77 -13.56
C VAL A 168 -29.65 -11.74 -12.91
N LYS A 169 -30.78 -11.42 -13.55
CA LYS A 169 -31.72 -10.48 -12.96
C LYS A 169 -32.41 -11.04 -11.74
N SER A 170 -32.51 -12.36 -11.62
CA SER A 170 -33.17 -13.01 -10.50
C SER A 170 -32.21 -13.94 -9.77
N ASP A 171 -30.99 -13.48 -9.53
CA ASP A 171 -29.95 -14.29 -8.90
C ASP A 171 -29.84 -13.89 -7.43
N ARG A 172 -30.39 -14.73 -6.56
CA ARG A 172 -30.25 -14.60 -5.11
C ARG A 172 -29.64 -15.86 -4.53
N SER A 173 -28.80 -16.53 -5.31
CA SER A 173 -28.36 -17.87 -4.96
C SER A 173 -27.32 -17.89 -3.84
N VAL A 174 -26.57 -16.79 -3.67
CA VAL A 174 -25.51 -16.74 -2.66
C VAL A 174 -25.68 -15.51 -1.79
N PHE A 175 -26.81 -14.82 -1.92
CA PHE A 175 -27.05 -13.61 -1.15
C PHE A 175 -27.14 -13.92 0.34
N MET A 176 -26.55 -13.06 1.15
CA MET A 176 -26.69 -13.13 2.61
C MET A 176 -28.05 -12.55 2.96
N ASN A 177 -29.08 -13.40 2.92
CA ASN A 177 -30.47 -12.95 3.09
C ASN A 177 -30.86 -12.96 4.56
N GLN A 178 -30.09 -12.21 5.36
CA GLN A 178 -30.42 -12.03 6.77
C GLN A 178 -30.12 -10.62 7.26
N GLY A 179 -29.90 -9.68 6.35
CA GLY A 179 -29.61 -8.30 6.72
C GLY A 179 -30.86 -7.43 6.71
N GLU A 180 -30.63 -6.14 6.94
CA GLU A 180 -31.73 -5.18 6.95
C GLU A 180 -32.37 -5.01 5.59
N TRP A 181 -31.65 -5.32 4.51
CA TRP A 181 -32.12 -5.10 3.15
C TRP A 181 -32.31 -6.41 2.43
N GLU A 182 -33.31 -6.43 1.55
CA GLU A 182 -33.63 -7.59 0.71
C GLU A 182 -33.41 -7.22 -0.74
N LEU A 183 -32.77 -8.11 -1.49
CA LEU A 183 -32.44 -7.86 -2.89
C LEU A 183 -33.58 -8.34 -3.77
N LEU A 184 -34.17 -7.43 -4.53
CA LEU A 184 -35.28 -7.78 -5.43
C LEU A 184 -34.80 -8.16 -6.82
N GLY A 185 -33.70 -7.60 -7.28
CA GLY A 185 -33.20 -7.95 -8.60
C GLY A 185 -31.95 -7.15 -8.93
N VAL A 186 -31.22 -7.64 -9.93
CA VAL A 186 -30.01 -6.99 -10.43
C VAL A 186 -30.19 -6.86 -11.94
N LEU A 187 -30.73 -5.73 -12.38
CA LEU A 187 -31.11 -5.56 -13.78
C LEU A 187 -29.92 -5.06 -14.58
N PRO A 188 -29.47 -5.79 -15.60
CA PRO A 188 -28.39 -5.30 -16.46
C PRO A 188 -28.90 -4.36 -17.53
N TYR A 189 -27.96 -3.63 -18.14
CA TYR A 189 -28.29 -2.73 -19.24
C TYR A 189 -27.01 -2.29 -19.96
N PHE A 190 -27.02 -2.39 -21.29
CA PHE A 190 -25.86 -2.03 -22.10
C PHE A 190 -26.15 -0.72 -22.81
N ARG A 191 -25.18 0.20 -22.77
CA ARG A 191 -25.31 1.50 -23.40
C ARG A 191 -23.95 1.95 -23.90
N GLU A 192 -23.93 2.60 -25.07
CA GLU A 192 -22.72 3.18 -25.61
C GLU A 192 -22.61 4.62 -25.14
N PHE A 193 -21.56 4.90 -24.37
CA PHE A 193 -21.37 6.22 -23.75
C PHE A 193 -20.36 7.00 -24.57
N SER A 194 -20.74 8.23 -24.93
CA SER A 194 -19.90 9.07 -25.77
C SER A 194 -20.08 10.52 -25.37
N MET A 195 -18.96 11.23 -25.21
CA MET A 195 -18.98 12.66 -24.92
C MET A 195 -18.26 13.45 -26.01
N GLU A 196 -17.08 13.02 -26.40
CA GLU A 196 -16.38 13.62 -27.53
C GLU A 196 -17.06 13.20 -28.83
N SER A 197 -16.72 13.90 -29.91
CA SER A 197 -17.40 13.70 -31.18
C SER A 197 -16.95 12.42 -31.90
N SER A 198 -15.94 11.72 -31.40
CA SER A 198 -15.40 10.55 -32.10
C SER A 198 -15.20 9.33 -31.20
N ASN A 199 -15.28 9.47 -29.88
CA ASN A 199 -14.99 8.36 -28.96
C ASN A 199 -16.28 7.79 -28.42
N TYR A 200 -16.43 6.46 -28.54
CA TYR A 200 -17.55 5.73 -27.97
C TYR A 200 -17.00 4.67 -27.02
N TYR A 201 -17.55 4.63 -25.81
CA TYR A 201 -17.14 3.67 -24.80
C TYR A 201 -18.32 2.79 -24.43
N ALA A 202 -18.04 1.50 -24.22
CA ALA A 202 -19.07 0.54 -23.86
C ALA A 202 -19.10 0.33 -22.36
N GLU A 203 -20.30 0.40 -21.78
CA GLU A 203 -20.48 0.20 -20.36
C GLU A 203 -21.74 -0.62 -20.13
N MET A 204 -21.78 -1.29 -18.97
CA MET A 204 -22.88 -2.16 -18.61
C MET A 204 -23.38 -1.76 -17.23
N LYS A 205 -24.62 -1.29 -17.17
CA LYS A 205 -25.21 -0.82 -15.93
C LYS A 205 -25.99 -1.94 -15.26
N PHE A 206 -25.70 -2.16 -13.98
CA PHE A 206 -26.42 -3.13 -13.16
C PHE A 206 -27.18 -2.39 -12.07
N TYR A 207 -28.50 -2.46 -12.13
CA TYR A 207 -29.36 -1.80 -11.15
C TYR A 207 -29.67 -2.77 -10.03
N VAL A 208 -29.16 -2.49 -8.83
CA VAL A 208 -29.44 -3.31 -7.65
C VAL A 208 -30.68 -2.73 -6.98
N VAL A 209 -31.78 -3.48 -7.00
CA VAL A 209 -33.05 -3.06 -6.44
C VAL A 209 -33.21 -3.71 -5.09
N ILE A 210 -33.42 -2.89 -4.05
CA ILE A 210 -33.49 -3.37 -2.67
C ILE A 210 -34.61 -2.64 -1.95
N ARG A 211 -35.32 -3.36 -1.08
CA ARG A 211 -36.36 -2.78 -0.25
C ARG A 211 -36.10 -3.15 1.20
N ARG A 212 -36.35 -2.20 2.09
CA ARG A 212 -36.08 -2.37 3.50
C ARG A 212 -37.05 -3.37 4.13
N ARG A 213 -36.66 -3.90 5.29
CA ARG A 213 -37.49 -4.84 6.02
C ARG A 213 -37.14 -4.81 7.50
N ARG B 3 31.32 -23.16 -0.36
CA ARG B 3 29.93 -22.66 -0.20
C ARG B 3 29.25 -23.32 1.00
N PRO B 4 28.57 -22.53 1.83
CA PRO B 4 27.82 -23.10 2.95
C PRO B 4 26.62 -23.90 2.46
N ALA B 5 26.23 -24.87 3.28
CA ALA B 5 25.18 -25.80 2.87
C ALA B 5 23.88 -25.09 2.54
N LEU B 6 23.49 -24.11 3.36
CA LEU B 6 22.22 -23.42 3.15
C LEU B 6 22.21 -22.74 1.78
N LEU B 7 23.29 -22.05 1.43
CA LEU B 7 23.35 -21.36 0.15
C LEU B 7 23.30 -22.34 -1.01
N ARG B 8 24.03 -23.45 -0.91
CA ARG B 8 23.99 -24.47 -1.96
C ARG B 8 22.58 -25.00 -2.14
N LEU B 9 21.89 -25.30 -1.04
CA LEU B 9 20.54 -25.83 -1.14
C LEU B 9 19.60 -24.79 -1.74
N SER B 10 19.70 -23.54 -1.31
CA SER B 10 18.83 -22.50 -1.85
C SER B 10 19.02 -22.34 -3.35
N ASP B 11 20.27 -22.35 -3.81
CA ASP B 11 20.53 -22.26 -5.24
C ASP B 11 19.96 -23.48 -5.96
N TYR B 12 20.29 -24.67 -5.48
CA TYR B 12 19.81 -25.90 -6.12
C TYR B 12 18.29 -25.90 -6.24
N LEU B 13 17.61 -25.32 -5.27
CA LEU B 13 16.14 -25.32 -5.28
C LEU B 13 15.59 -24.24 -6.20
N LEU B 14 16.01 -22.99 -6.01
CA LEU B 14 15.34 -21.85 -6.63
C LEU B 14 15.91 -21.45 -7.98
N THR B 15 17.04 -22.03 -8.40
CA THR B 15 17.60 -21.68 -9.71
C THR B 15 16.88 -22.39 -10.86
N ASN B 16 16.15 -23.46 -10.57
CA ASN B 16 15.41 -24.21 -11.58
C ASN B 16 13.95 -24.33 -11.17
N TYR B 17 13.38 -23.23 -10.70
CA TYR B 17 12.02 -23.22 -10.17
C TYR B 17 11.39 -21.88 -10.47
N ARG B 18 10.10 -21.90 -10.80
CA ARG B 18 9.32 -20.70 -11.06
C ARG B 18 7.97 -20.80 -10.38
N LYS B 19 7.50 -19.67 -9.89
CA LYS B 19 6.37 -19.61 -8.95
C LYS B 19 5.02 -19.58 -9.64
N GLY B 20 4.97 -19.43 -10.95
CA GLY B 20 3.68 -19.32 -11.62
C GLY B 20 2.87 -20.59 -11.59
N VAL B 21 3.52 -21.74 -11.77
CA VAL B 21 2.80 -22.99 -11.97
C VAL B 21 2.44 -23.62 -10.63
N ARG B 22 1.42 -24.47 -10.67
CA ARG B 22 1.08 -25.27 -9.50
C ARG B 22 2.11 -26.37 -9.32
N PRO B 23 2.71 -26.51 -8.13
CA PRO B 23 3.87 -27.42 -7.97
C PRO B 23 3.49 -28.90 -7.86
N VAL B 24 3.24 -29.50 -9.02
CA VAL B 24 2.94 -30.93 -9.11
C VAL B 24 3.63 -31.50 -10.34
N ARG B 25 4.21 -32.69 -10.19
CA ARG B 25 4.84 -33.36 -11.32
C ARG B 25 3.82 -33.72 -12.39
N ASP B 26 2.65 -34.20 -11.98
CA ASP B 26 1.57 -34.57 -12.89
C ASP B 26 0.40 -33.62 -12.66
N TRP B 27 -0.03 -32.95 -13.73
CA TRP B 27 -1.14 -32.00 -13.62
C TRP B 27 -2.45 -32.68 -13.27
N ARG B 28 -2.53 -34.00 -13.41
CA ARG B 28 -3.79 -34.71 -13.20
C ARG B 28 -4.12 -34.92 -11.73
N LYS B 29 -3.21 -34.56 -10.82
CA LYS B 29 -3.45 -34.75 -9.40
C LYS B 29 -3.67 -33.41 -8.70
N PRO B 30 -4.60 -33.34 -7.76
CA PRO B 30 -4.82 -32.07 -7.04
C PRO B 30 -3.75 -31.81 -6.00
N THR B 31 -3.68 -30.55 -5.59
CA THR B 31 -2.73 -30.10 -4.57
C THR B 31 -3.49 -29.97 -3.25
N THR B 32 -3.36 -31.00 -2.42
CA THR B 32 -4.07 -31.02 -1.13
C THR B 32 -3.42 -30.05 -0.17
N VAL B 33 -4.24 -29.23 0.47
CA VAL B 33 -3.79 -28.24 1.45
C VAL B 33 -4.47 -28.53 2.79
N SER B 34 -3.67 -28.68 3.83
CA SER B 34 -4.17 -28.91 5.18
C SER B 34 -4.04 -27.61 5.97
N ILE B 35 -5.15 -27.19 6.58
CA ILE B 35 -5.22 -25.91 7.27
C ILE B 35 -5.63 -26.14 8.72
N ASP B 36 -5.30 -25.15 9.56
CA ASP B 36 -5.69 -25.16 10.96
C ASP B 36 -5.99 -23.73 11.38
N VAL B 37 -6.89 -23.59 12.36
CA VAL B 37 -7.33 -22.29 12.84
C VAL B 37 -7.31 -22.29 14.36
N ILE B 38 -6.68 -21.25 14.93
CA ILE B 38 -6.68 -21.02 16.36
C ILE B 38 -7.12 -19.59 16.60
N VAL B 39 -8.12 -19.41 17.47
CA VAL B 39 -8.70 -18.10 17.73
C VAL B 39 -7.92 -17.47 18.88
N TYR B 40 -7.15 -16.42 18.56
CA TYR B 40 -6.32 -15.78 19.57
C TYR B 40 -7.08 -14.73 20.36
N ALA B 41 -8.06 -14.06 19.74
CA ALA B 41 -8.84 -13.06 20.44
C ALA B 41 -10.04 -12.69 19.58
N ILE B 42 -11.03 -12.08 20.22
CA ILE B 42 -12.24 -11.57 19.56
C ILE B 42 -12.28 -10.09 19.89
N LEU B 43 -11.74 -9.26 19.00
CA LEU B 43 -11.55 -7.85 19.30
C LEU B 43 -12.89 -7.13 19.42
N ASN B 44 -13.81 -7.37 18.50
CA ASN B 44 -15.05 -6.61 18.46
C ASN B 44 -16.16 -7.45 17.85
N VAL B 45 -17.37 -7.29 18.39
CA VAL B 45 -18.58 -7.90 17.84
C VAL B 45 -19.59 -6.78 17.67
N ASP B 46 -19.86 -6.41 16.42
CA ASP B 46 -20.71 -5.26 16.09
C ASP B 46 -22.07 -5.77 15.66
N GLU B 47 -23.07 -5.61 16.52
CA GLU B 47 -24.44 -5.96 16.15
C GLU B 47 -25.03 -4.93 15.20
N LYS B 48 -24.61 -3.67 15.32
CA LYS B 48 -25.15 -2.61 14.46
C LYS B 48 -24.83 -2.90 13.00
N ASN B 49 -23.56 -3.15 12.70
CA ASN B 49 -23.13 -3.44 11.34
C ASN B 49 -23.15 -4.92 11.00
N GLN B 50 -23.49 -5.78 11.96
CA GLN B 50 -23.56 -7.22 11.74
C GLN B 50 -22.21 -7.77 11.29
N VAL B 51 -21.14 -7.29 11.91
CA VAL B 51 -19.79 -7.79 11.65
C VAL B 51 -19.08 -7.99 12.98
N LEU B 52 -18.15 -8.95 13.00
CA LEU B 52 -17.30 -9.17 14.16
C LEU B 52 -15.86 -9.35 13.70
N THR B 53 -14.93 -8.95 14.55
CA THR B 53 -13.50 -9.03 14.27
C THR B 53 -12.89 -10.16 15.08
N THR B 54 -12.11 -11.00 14.43
CA THR B 54 -11.42 -12.12 15.07
C THR B 54 -9.95 -12.08 14.70
N TYR B 55 -9.09 -12.12 15.71
CA TYR B 55 -7.65 -12.24 15.52
C TYR B 55 -7.30 -13.70 15.73
N ILE B 56 -7.09 -14.42 14.62
CA ILE B 56 -6.89 -15.86 14.64
C ILE B 56 -5.51 -16.16 14.07
N TRP B 57 -4.84 -17.16 14.66
CA TRP B 57 -3.57 -17.65 14.16
C TRP B 57 -3.82 -18.76 13.16
N TYR B 58 -3.42 -18.53 11.91
CA TYR B 58 -3.70 -19.43 10.80
C TYR B 58 -2.41 -20.09 10.34
N ARG B 59 -2.45 -21.41 10.20
CA ARG B 59 -1.32 -22.16 9.67
C ARG B 59 -1.84 -23.19 8.67
N GLN B 60 -1.03 -23.43 7.63
CA GLN B 60 -1.39 -24.38 6.59
C GLN B 60 -0.12 -24.99 6.04
N TYR B 61 -0.26 -26.16 5.41
CA TYR B 61 0.87 -26.80 4.77
C TYR B 61 0.41 -27.55 3.53
N TRP B 62 1.33 -27.67 2.58
CA TRP B 62 1.07 -28.37 1.32
C TRP B 62 2.39 -28.93 0.81
N THR B 63 2.31 -29.69 -0.27
CA THR B 63 3.45 -30.39 -0.83
C THR B 63 3.85 -29.75 -2.15
N ASP B 64 5.10 -29.30 -2.22
CA ASP B 64 5.70 -28.82 -3.47
C ASP B 64 6.59 -29.93 -4.01
N GLU B 65 6.12 -30.60 -5.07
CA GLU B 65 6.85 -31.73 -5.63
C GLU B 65 8.17 -31.32 -6.27
N PHE B 66 8.37 -30.03 -6.53
CA PHE B 66 9.64 -29.55 -7.08
C PHE B 66 10.64 -29.20 -5.99
N LEU B 67 10.17 -28.74 -4.84
CA LEU B 67 11.02 -28.23 -3.77
C LEU B 67 11.40 -29.35 -2.79
N GLN B 68 12.00 -30.42 -3.32
CA GLN B 68 12.42 -31.55 -2.52
C GLN B 68 13.87 -31.91 -2.84
N TRP B 69 14.56 -32.46 -1.85
CA TRP B 69 15.97 -32.77 -1.99
C TRP B 69 16.32 -33.93 -1.05
N ASN B 70 17.50 -34.48 -1.26
CA ASN B 70 18.01 -35.55 -0.41
C ASN B 70 18.98 -34.96 0.60
N PRO B 71 18.70 -35.01 1.91
CA PRO B 71 19.51 -34.23 2.86
C PRO B 71 21.00 -34.55 2.84
N GLU B 72 21.37 -35.81 2.65
CA GLU B 72 22.79 -36.19 2.78
C GLU B 72 23.67 -35.49 1.75
N ASP B 73 23.10 -34.90 0.71
CA ASP B 73 23.87 -34.13 -0.25
C ASP B 73 24.01 -32.67 0.14
N PHE B 74 23.35 -32.23 1.21
CA PHE B 74 23.35 -30.83 1.64
C PHE B 74 23.57 -30.73 3.14
N ASP B 75 24.58 -31.46 3.63
CA ASP B 75 24.96 -31.42 5.05
C ASP B 75 23.78 -31.79 5.95
N ASN B 76 22.99 -32.77 5.51
CA ASN B 76 21.89 -33.31 6.31
C ASN B 76 20.91 -32.21 6.72
N ILE B 77 20.66 -31.26 5.83
CA ILE B 77 19.67 -30.22 6.08
C ILE B 77 18.28 -30.81 5.86
N THR B 78 17.50 -30.90 6.93
CA THR B 78 16.17 -31.47 6.86
C THR B 78 15.09 -30.43 6.60
N LYS B 79 15.32 -29.18 7.01
CA LYS B 79 14.36 -28.11 6.76
C LYS B 79 15.10 -26.79 6.70
N LEU B 80 14.51 -25.85 5.96
CA LEU B 80 15.06 -24.51 5.83
C LEU B 80 13.93 -23.54 5.52
N SER B 81 14.22 -22.25 5.68
CA SER B 81 13.25 -21.19 5.48
C SER B 81 13.65 -20.32 4.30
N ILE B 82 12.68 -20.02 3.45
CA ILE B 82 12.89 -19.12 2.30
C ILE B 82 11.69 -18.20 2.17
N PRO B 83 11.84 -17.08 1.48
CA PRO B 83 10.76 -16.11 1.40
C PRO B 83 9.50 -16.71 0.80
N THR B 84 8.34 -16.28 1.31
CA THR B 84 7.07 -16.81 0.84
C THR B 84 6.77 -16.37 -0.60
N ASP B 85 7.31 -15.23 -1.01
CA ASP B 85 7.07 -14.71 -2.36
C ASP B 85 7.94 -15.36 -3.42
N SER B 86 8.82 -16.28 -3.03
CA SER B 86 9.69 -16.98 -3.97
C SER B 86 9.14 -18.33 -4.38
N ILE B 87 7.95 -18.71 -3.92
CA ILE B 87 7.37 -20.01 -4.19
C ILE B 87 5.87 -19.85 -4.48
N TRP B 88 5.28 -20.91 -5.00
CA TRP B 88 3.84 -20.94 -5.22
C TRP B 88 3.11 -21.03 -3.89
N VAL B 89 2.04 -20.24 -3.75
CA VAL B 89 1.25 -20.22 -2.53
C VAL B 89 -0.22 -20.33 -2.91
N PRO B 90 -0.99 -21.24 -2.31
CA PRO B 90 -2.39 -21.39 -2.70
C PRO B 90 -3.20 -20.14 -2.39
N ASP B 91 -4.18 -19.87 -3.25
CA ASP B 91 -5.07 -18.73 -3.05
C ASP B 91 -6.23 -19.12 -2.14
N ILE B 92 -5.91 -19.67 -0.97
CA ILE B 92 -6.93 -20.10 -0.01
C ILE B 92 -7.38 -18.84 0.74
N LEU B 93 -8.56 -18.34 0.40
CA LEU B 93 -9.08 -17.10 0.94
C LEU B 93 -10.39 -17.35 1.69
N ILE B 94 -10.59 -16.57 2.74
CA ILE B 94 -11.78 -16.69 3.57
C ILE B 94 -12.89 -15.84 2.97
N ASN B 95 -14.01 -16.48 2.63
CA ASN B 95 -15.18 -15.74 2.19
C ASN B 95 -15.81 -15.02 3.37
N GLU B 96 -16.93 -14.35 3.12
CA GLU B 96 -17.67 -13.60 4.13
C GLU B 96 -16.85 -12.47 4.73
N PHE B 97 -15.70 -12.15 4.13
CA PHE B 97 -14.83 -11.13 4.69
C PHE B 97 -15.30 -9.74 4.29
N VAL B 98 -14.96 -8.76 5.14
CA VAL B 98 -15.23 -7.36 4.84
C VAL B 98 -13.98 -6.49 4.91
N ASP B 99 -12.92 -6.94 5.58
CA ASP B 99 -11.67 -6.20 5.62
C ASP B 99 -10.57 -7.13 6.13
N VAL B 100 -9.50 -7.25 5.35
CA VAL B 100 -8.36 -8.09 5.71
C VAL B 100 -7.04 -7.34 5.63
N GLY B 101 -7.05 -6.06 5.28
CA GLY B 101 -5.81 -5.32 5.10
C GLY B 101 -4.97 -5.20 6.36
N LYS B 102 -5.60 -5.37 7.53
CA LYS B 102 -4.86 -5.28 8.79
C LYS B 102 -3.85 -6.39 8.96
N SER B 103 -3.94 -7.46 8.18
CA SER B 103 -3.05 -8.61 8.35
C SER B 103 -1.70 -8.31 7.70
N PRO B 104 -0.59 -8.41 8.44
CA PRO B 104 0.73 -8.25 7.82
C PRO B 104 1.15 -9.47 7.05
N ASN B 105 1.92 -9.24 5.99
CA ASN B 105 2.41 -10.33 5.15
C ASN B 105 3.67 -10.92 5.76
N ILE B 106 3.61 -12.20 6.12
CA ILE B 106 4.77 -12.86 6.73
C ILE B 106 5.82 -13.12 5.65
N PRO B 107 7.10 -12.83 5.91
CA PRO B 107 8.08 -13.00 4.82
C PRO B 107 8.41 -14.45 4.50
N TYR B 108 8.61 -15.29 5.51
CA TYR B 108 9.24 -16.59 5.33
C TYR B 108 8.24 -17.73 5.53
N VAL B 109 8.59 -18.88 4.95
CA VAL B 109 7.85 -20.12 5.12
C VAL B 109 8.85 -21.25 5.30
N TYR B 110 8.51 -22.20 6.17
CA TYR B 110 9.36 -23.35 6.40
C TYR B 110 9.14 -24.41 5.31
N ILE B 111 10.22 -25.11 4.97
CA ILE B 111 10.18 -26.14 3.94
C ILE B 111 11.00 -27.33 4.43
N ARG B 112 10.50 -28.53 4.16
CA ARG B 112 11.15 -29.77 4.56
C ARG B 112 11.56 -30.57 3.33
N HIS B 113 12.54 -31.45 3.53
CA HIS B 113 13.16 -32.13 2.39
C HIS B 113 12.20 -33.04 1.65
N GLN B 114 11.05 -33.37 2.24
CA GLN B 114 10.06 -34.16 1.52
C GLN B 114 9.34 -33.34 0.46
N GLY B 115 9.46 -32.01 0.50
CA GLY B 115 8.68 -31.12 -0.34
C GLY B 115 7.57 -30.43 0.40
N GLU B 116 7.36 -30.75 1.67
CA GLU B 116 6.29 -30.13 2.45
C GLU B 116 6.62 -28.68 2.74
N VAL B 117 5.64 -27.80 2.54
CA VAL B 117 5.77 -26.38 2.83
C VAL B 117 4.83 -26.04 3.96
N GLN B 118 5.34 -25.35 4.98
CA GLN B 118 4.56 -24.92 6.12
C GLN B 118 4.52 -23.40 6.17
N ASN B 119 3.31 -22.84 6.22
CA ASN B 119 3.11 -21.40 6.21
C ASN B 119 2.30 -21.01 7.46
N TYR B 120 2.91 -20.21 8.32
CA TYR B 120 2.26 -19.68 9.51
C TYR B 120 2.05 -18.18 9.30
N LYS B 121 0.80 -17.73 9.47
CA LYS B 121 0.49 -16.32 9.24
C LYS B 121 -0.64 -15.91 10.18
N PRO B 122 -0.68 -14.65 10.59
CA PRO B 122 -1.82 -14.15 11.36
C PRO B 122 -2.89 -13.56 10.45
N LEU B 123 -4.12 -13.55 10.97
CA LEU B 123 -5.27 -13.03 10.24
C LEU B 123 -6.03 -12.08 11.14
N GLN B 124 -6.19 -10.83 10.69
CA GLN B 124 -6.98 -9.82 11.39
C GLN B 124 -8.31 -9.58 10.69
N VAL B 125 -8.91 -10.66 10.19
CA VAL B 125 -10.06 -10.54 9.30
C VAL B 125 -11.29 -10.12 10.09
N VAL B 126 -12.10 -9.25 9.49
CA VAL B 126 -13.44 -8.93 9.97
C VAL B 126 -14.44 -9.52 9.00
N THR B 127 -15.41 -10.26 9.52
CA THR B 127 -16.35 -11.01 8.70
C THR B 127 -17.76 -10.51 8.92
N ALA B 128 -18.59 -10.64 7.89
CA ALA B 128 -19.99 -10.26 7.95
C ALA B 128 -20.83 -11.51 8.20
N CYS B 129 -21.57 -11.52 9.32
CA CYS B 129 -22.43 -12.64 9.64
C CYS B 129 -23.60 -12.13 10.48
N SER B 130 -24.65 -12.94 10.52
CA SER B 130 -25.88 -12.53 11.21
C SER B 130 -25.65 -12.60 12.72
N LEU B 131 -25.90 -11.48 13.40
CA LEU B 131 -25.77 -11.39 14.84
C LEU B 131 -27.06 -10.81 15.41
N ASP B 132 -27.86 -11.66 16.04
CA ASP B 132 -29.10 -11.23 16.66
C ASP B 132 -28.87 -10.86 18.13
N ILE B 133 -29.61 -9.85 18.58
CA ILE B 133 -29.46 -9.33 19.93
C ILE B 133 -30.71 -9.67 20.74
N TYR B 134 -31.39 -10.76 20.35
CA TYR B 134 -32.63 -11.14 21.01
C TYR B 134 -32.40 -11.46 22.49
N ASN B 135 -31.33 -12.17 22.81
CA ASN B 135 -31.02 -12.59 24.17
C ASN B 135 -29.87 -11.76 24.76
N PHE B 136 -29.92 -10.44 24.53
CA PHE B 136 -28.81 -9.54 24.82
C PHE B 136 -28.11 -9.85 26.14
N PRO B 137 -28.82 -9.89 27.27
CA PRO B 137 -28.11 -10.08 28.55
C PRO B 137 -27.32 -11.38 28.59
N PHE B 138 -27.85 -12.44 28.00
CA PHE B 138 -27.21 -13.75 27.95
C PHE B 138 -27.10 -14.23 26.50
N ASP B 139 -26.71 -13.32 25.62
CA ASP B 139 -26.68 -13.61 24.19
C ASP B 139 -25.62 -14.64 23.86
N VAL B 140 -25.94 -15.52 22.91
CA VAL B 140 -24.99 -16.48 22.35
C VAL B 140 -25.04 -16.35 20.83
N GLN B 141 -23.88 -16.14 20.23
CA GLN B 141 -23.77 -15.89 18.79
C GLN B 141 -23.09 -17.06 18.10
N ASN B 142 -23.34 -17.17 16.79
CA ASN B 142 -22.83 -18.29 15.98
C ASN B 142 -22.42 -17.71 14.63
N CYS B 143 -21.14 -17.36 14.51
CA CYS B 143 -20.58 -16.83 13.29
C CYS B 143 -19.62 -17.85 12.68
N SER B 144 -19.46 -17.78 11.36
CA SER B 144 -18.74 -18.81 10.61
C SER B 144 -17.62 -18.19 9.79
N LEU B 145 -16.51 -18.94 9.70
CA LEU B 145 -15.42 -18.64 8.78
C LEU B 145 -15.29 -19.80 7.81
N THR B 146 -15.33 -19.50 6.51
CA THR B 146 -15.20 -20.52 5.48
C THR B 146 -13.97 -20.20 4.64
N PHE B 147 -13.02 -21.13 4.62
CA PHE B 147 -11.79 -21.00 3.86
C PHE B 147 -11.92 -21.83 2.58
N THR B 148 -11.60 -21.21 1.45
CA THR B 148 -11.76 -21.87 0.16
C THR B 148 -10.64 -21.44 -0.78
N SER B 149 -10.31 -22.31 -1.72
CA SER B 149 -9.50 -21.92 -2.86
C SER B 149 -10.35 -21.03 -3.76
N TRP B 150 -10.04 -19.72 -3.76
CA TRP B 150 -10.94 -18.75 -4.39
C TRP B 150 -11.20 -19.10 -5.85
N LEU B 151 -10.14 -19.42 -6.59
CA LEU B 151 -10.24 -19.70 -8.02
C LEU B 151 -10.16 -21.18 -8.33
N HIS B 152 -9.17 -21.88 -7.79
CA HIS B 152 -8.94 -23.27 -8.15
C HIS B 152 -10.10 -24.15 -7.71
N THR B 153 -10.47 -25.10 -8.57
CA THR B 153 -11.51 -26.07 -8.27
C THR B 153 -10.93 -27.17 -7.39
N ILE B 154 -11.81 -28.12 -7.01
CA ILE B 154 -11.36 -29.23 -6.18
C ILE B 154 -10.34 -30.09 -6.92
N GLN B 155 -10.44 -30.17 -8.24
CA GLN B 155 -9.51 -30.96 -9.03
C GLN B 155 -8.11 -30.36 -9.05
N ASP B 156 -7.95 -29.12 -8.60
CA ASP B 156 -6.64 -28.47 -8.51
C ASP B 156 -6.19 -28.25 -7.08
N ILE B 157 -7.07 -27.77 -6.20
CA ILE B 157 -6.75 -27.53 -4.80
C ILE B 157 -7.86 -28.13 -3.95
N ASN B 158 -7.47 -28.90 -2.93
CA ASN B 158 -8.40 -29.44 -1.96
C ASN B 158 -7.93 -29.07 -0.57
N ILE B 159 -8.89 -28.90 0.35
CA ILE B 159 -8.64 -28.38 1.68
C ILE B 159 -8.97 -29.47 2.70
N SER B 160 -8.06 -29.66 3.65
CA SER B 160 -8.23 -30.64 4.71
C SER B 160 -7.81 -30.03 6.04
N LEU B 161 -7.96 -30.81 7.12
CA LEU B 161 -7.62 -30.36 8.45
C LEU B 161 -6.23 -30.84 8.84
N TRP B 162 -5.45 -29.93 9.44
CA TRP B 162 -4.15 -30.31 9.98
C TRP B 162 -4.32 -31.25 11.17
N ARG B 163 -5.16 -30.87 12.12
CA ARG B 163 -5.42 -31.64 13.32
C ARG B 163 -6.78 -32.33 13.23
N LEU B 164 -7.02 -33.24 14.17
CA LEU B 164 -8.30 -33.92 14.22
C LEU B 164 -9.40 -32.92 14.58
N PRO B 165 -10.62 -33.13 14.09
CA PRO B 165 -11.68 -32.12 14.31
C PRO B 165 -11.97 -31.86 15.78
N GLU B 166 -11.91 -32.89 16.63
CA GLU B 166 -12.27 -32.70 18.03
C GLU B 166 -11.21 -31.90 18.78
N LYS B 167 -9.94 -32.05 18.40
CA LYS B 167 -8.89 -31.30 19.08
C LYS B 167 -8.98 -29.80 18.77
N VAL B 168 -9.33 -29.46 17.54
CA VAL B 168 -9.49 -28.05 17.18
C VAL B 168 -10.85 -27.50 17.60
N LYS B 169 -11.85 -28.36 17.79
CA LYS B 169 -13.17 -27.90 18.23
C LYS B 169 -13.14 -27.39 19.67
N SER B 170 -12.19 -27.86 20.48
CA SER B 170 -12.10 -27.46 21.88
C SER B 170 -10.74 -26.85 22.17
N ASP B 171 -10.28 -25.96 21.29
CA ASP B 171 -8.97 -25.33 21.40
C ASP B 171 -9.15 -23.92 21.95
N ARG B 172 -8.84 -23.75 23.24
CA ARG B 172 -8.80 -22.46 23.90
C ARG B 172 -7.42 -22.22 24.50
N SER B 173 -6.39 -22.77 23.87
CA SER B 173 -5.07 -22.83 24.49
C SER B 173 -4.35 -21.49 24.46
N VAL B 174 -4.68 -20.61 23.51
CA VAL B 174 -4.00 -19.33 23.40
C VAL B 174 -5.02 -18.19 23.35
N PHE B 175 -6.28 -18.51 23.65
CA PHE B 175 -7.32 -17.50 23.60
C PHE B 175 -7.10 -16.43 24.67
N MET B 176 -7.34 -15.18 24.31
CA MET B 176 -7.32 -14.06 25.26
C MET B 176 -8.63 -14.11 26.04
N ASN B 177 -8.65 -14.90 27.11
CA ASN B 177 -9.89 -15.16 27.85
C ASN B 177 -10.08 -14.12 28.95
N GLN B 178 -10.12 -12.84 28.53
CA GLN B 178 -10.42 -11.76 29.45
C GLN B 178 -11.28 -10.68 28.80
N GLY B 179 -11.89 -10.96 27.65
CA GLY B 179 -12.73 -10.00 26.96
C GLY B 179 -14.20 -10.19 27.30
N GLU B 180 -15.03 -9.39 26.61
CA GLU B 180 -16.47 -9.45 26.83
C GLU B 180 -17.06 -10.78 26.36
N TRP B 181 -16.39 -11.49 25.46
CA TRP B 181 -16.93 -12.70 24.87
C TRP B 181 -16.08 -13.90 25.26
N GLU B 182 -16.74 -15.05 25.41
CA GLU B 182 -16.09 -16.31 25.74
C GLU B 182 -16.30 -17.28 24.58
N LEU B 183 -15.23 -17.98 24.20
CA LEU B 183 -15.25 -18.88 23.06
C LEU B 183 -15.66 -20.28 23.55
N LEU B 184 -16.77 -20.79 23.02
CA LEU B 184 -17.25 -22.10 23.39
C LEU B 184 -16.70 -23.21 22.50
N GLY B 185 -16.43 -22.92 21.23
CA GLY B 185 -15.88 -23.93 20.35
C GLY B 185 -15.69 -23.36 18.95
N VAL B 186 -14.89 -24.09 18.17
CA VAL B 186 -14.61 -23.74 16.77
C VAL B 186 -14.88 -25.00 15.96
N LEU B 187 -16.11 -25.14 15.46
CA LEU B 187 -16.54 -26.37 14.82
C LEU B 187 -16.16 -26.35 13.35
N PRO B 188 -15.36 -27.29 12.87
CA PRO B 188 -15.07 -27.35 11.43
C PRO B 188 -16.15 -28.08 10.66
N TYR B 189 -16.11 -27.90 9.34
CA TYR B 189 -17.05 -28.59 8.46
C TYR B 189 -16.58 -28.48 7.01
N PHE B 190 -16.55 -29.61 6.30
CA PHE B 190 -16.10 -29.66 4.92
C PHE B 190 -17.31 -29.85 4.01
N ARG B 191 -17.37 -29.05 2.94
CA ARG B 191 -18.47 -29.12 1.99
C ARG B 191 -17.95 -28.78 0.60
N GLU B 192 -18.47 -29.48 -0.40
CA GLU B 192 -18.14 -29.20 -1.79
C GLU B 192 -19.14 -28.19 -2.35
N PHE B 193 -18.65 -27.01 -2.71
CA PHE B 193 -19.50 -25.92 -3.17
C PHE B 193 -19.48 -25.86 -4.69
N SER B 194 -20.66 -25.83 -5.29
CA SER B 194 -20.78 -25.85 -6.74
C SER B 194 -21.99 -25.02 -7.15
N MET B 195 -21.80 -24.16 -8.14
CA MET B 195 -22.88 -23.36 -8.71
C MET B 195 -23.06 -23.64 -10.19
N GLU B 196 -21.97 -23.64 -10.95
CA GLU B 196 -22.02 -24.06 -12.35
C GLU B 196 -22.17 -25.57 -12.43
N SER B 197 -22.54 -26.04 -13.63
CA SER B 197 -22.87 -27.45 -13.82
C SER B 197 -21.64 -28.35 -13.84
N SER B 198 -20.43 -27.80 -13.84
CA SER B 198 -19.22 -28.60 -13.97
C SER B 198 -18.13 -28.26 -12.96
N ASN B 199 -18.23 -27.16 -12.23
CA ASN B 199 -17.17 -26.72 -11.33
C ASN B 199 -17.55 -27.03 -9.88
N TYR B 200 -16.66 -27.71 -9.18
CA TYR B 200 -16.80 -28.00 -7.75
C TYR B 200 -15.61 -27.40 -7.02
N TYR B 201 -15.89 -26.66 -5.96
CA TYR B 201 -14.86 -26.03 -5.14
C TYR B 201 -14.94 -26.56 -3.72
N ALA B 202 -13.77 -26.78 -3.10
CA ALA B 202 -13.71 -27.30 -1.75
C ALA B 202 -13.50 -26.15 -0.77
N GLU B 203 -14.32 -26.14 0.29
CA GLU B 203 -14.24 -25.13 1.31
C GLU B 203 -14.42 -25.77 2.68
N MET B 204 -13.90 -25.11 3.70
CA MET B 204 -13.93 -25.61 5.07
C MET B 204 -14.51 -24.53 5.96
N LYS B 205 -15.68 -24.80 6.54
CA LYS B 205 -16.38 -23.84 7.38
C LYS B 205 -16.00 -24.05 8.84
N PHE B 206 -15.60 -22.97 9.50
CA PHE B 206 -15.30 -22.98 10.93
C PHE B 206 -16.32 -22.11 11.64
N TYR B 207 -17.13 -22.72 12.49
CA TYR B 207 -18.16 -22.02 13.26
C TYR B 207 -17.57 -21.61 14.60
N VAL B 208 -17.42 -20.31 14.81
CA VAL B 208 -16.94 -19.77 16.09
C VAL B 208 -18.16 -19.51 16.95
N VAL B 209 -18.29 -20.27 18.04
CA VAL B 209 -19.43 -20.17 18.94
C VAL B 209 -18.99 -19.38 20.16
N ILE B 210 -19.70 -18.29 20.45
CA ILE B 210 -19.33 -17.38 21.53
C ILE B 210 -20.59 -16.95 22.27
N ARG B 211 -20.48 -16.83 23.59
CA ARG B 211 -21.56 -16.35 24.44
C ARG B 211 -21.07 -15.19 25.29
N ARG B 212 -21.92 -14.18 25.46
CA ARG B 212 -21.54 -12.98 26.18
C ARG B 212 -21.39 -13.26 27.67
N ARG B 213 -20.71 -12.36 28.35
CA ARG B 213 -20.51 -12.46 29.79
C ARG B 213 -20.25 -11.09 30.40
N ARG C 3 37.94 3.49 -8.14
CA ARG C 3 36.66 3.23 -7.43
C ARG C 3 36.76 3.68 -5.96
N PRO C 4 35.75 4.39 -5.47
CA PRO C 4 35.75 4.78 -4.05
C PRO C 4 35.55 3.56 -3.16
N ALA C 5 36.05 3.68 -1.93
CA ALA C 5 36.07 2.55 -1.01
C ALA C 5 34.67 2.02 -0.74
N LEU C 6 33.71 2.93 -0.54
CA LEU C 6 32.35 2.50 -0.22
C LEU C 6 31.77 1.64 -1.34
N LEU C 7 31.95 2.08 -2.58
CA LEU C 7 31.40 1.32 -3.71
C LEU C 7 32.07 -0.04 -3.83
N ARG C 8 33.39 -0.09 -3.66
CA ARG C 8 34.10 -1.37 -3.71
C ARG C 8 33.57 -2.32 -2.65
N LEU C 9 33.39 -1.81 -1.42
CA LEU C 9 32.90 -2.66 -0.34
C LEU C 9 31.48 -3.14 -0.61
N SER C 10 30.62 -2.24 -1.09
CA SER C 10 29.25 -2.64 -1.38
C SER C 10 29.19 -3.71 -2.44
N ASP C 11 30.00 -3.57 -3.50
CA ASP C 11 30.05 -4.61 -4.52
C ASP C 11 30.56 -5.92 -3.94
N TYR C 12 31.71 -5.87 -3.26
CA TYR C 12 32.30 -7.08 -2.69
C TYR C 12 31.31 -7.80 -1.79
N LEU C 13 30.45 -7.06 -1.09
CA LEU C 13 29.51 -7.67 -0.18
C LEU C 13 28.28 -8.23 -0.90
N LEU C 14 27.62 -7.41 -1.71
CA LEU C 14 26.30 -7.74 -2.22
C LEU C 14 26.33 -8.46 -3.57
N THR C 15 27.48 -8.56 -4.24
CA THR C 15 27.53 -9.27 -5.51
C THR C 15 27.55 -10.78 -5.34
N ASN C 16 27.90 -11.28 -4.15
CA ASN C 16 27.95 -12.70 -3.89
C ASN C 16 27.10 -13.02 -2.66
N TYR C 17 25.91 -12.43 -2.59
CA TYR C 17 25.05 -12.56 -1.42
C TYR C 17 23.60 -12.52 -1.89
N ARG C 18 22.77 -13.35 -1.26
CA ARG C 18 21.34 -13.40 -1.53
C ARG C 18 20.57 -13.44 -0.22
N LYS C 19 19.42 -12.78 -0.22
CA LYS C 19 18.68 -12.45 0.98
C LYS C 19 17.75 -13.56 1.45
N GLY C 20 17.55 -14.62 0.65
CA GLY C 20 16.60 -15.65 1.02
C GLY C 20 17.04 -16.46 2.23
N VAL C 21 18.34 -16.80 2.30
CA VAL C 21 18.81 -17.75 3.29
C VAL C 21 19.09 -17.05 4.62
N ARG C 22 19.07 -17.84 5.69
CA ARG C 22 19.49 -17.34 6.99
C ARG C 22 21.01 -17.20 7.00
N PRO C 23 21.55 -16.04 7.37
CA PRO C 23 23.00 -15.79 7.20
C PRO C 23 23.88 -16.44 8.26
N VAL C 24 24.13 -17.74 8.08
CA VAL C 24 25.01 -18.49 8.95
C VAL C 24 25.85 -19.45 8.10
N ARG C 25 27.14 -19.55 8.44
CA ARG C 25 28.01 -20.48 7.74
C ARG C 25 27.57 -21.92 7.97
N ASP C 26 27.20 -22.26 9.20
CA ASP C 26 26.74 -23.59 9.55
C ASP C 26 25.26 -23.52 9.94
N TRP C 27 24.44 -24.31 9.26
CA TRP C 27 23.01 -24.31 9.53
C TRP C 27 22.67 -24.83 10.91
N ARG C 28 23.61 -25.50 11.58
CA ARG C 28 23.35 -26.13 12.86
C ARG C 28 23.33 -25.13 14.02
N LYS C 29 23.70 -23.88 13.78
CA LYS C 29 23.74 -22.88 14.84
C LYS C 29 22.61 -21.88 14.68
N PRO C 30 21.98 -21.46 15.78
CA PRO C 30 20.90 -20.46 15.67
C PRO C 30 21.44 -19.06 15.45
N THR C 31 20.55 -18.19 14.97
CA THR C 31 20.86 -16.79 14.72
C THR C 31 20.32 -15.97 15.90
N THR C 32 21.21 -15.64 16.83
CA THR C 32 20.82 -14.89 18.02
C THR C 32 20.54 -13.44 17.66
N VAL C 33 19.41 -12.93 18.11
CA VAL C 33 18.99 -11.55 17.87
C VAL C 33 18.83 -10.86 19.21
N SER C 34 19.50 -9.73 19.38
CA SER C 34 19.39 -8.91 20.59
C SER C 34 18.52 -7.71 20.30
N ILE C 35 17.50 -7.49 21.13
CA ILE C 35 16.52 -6.45 20.90
C ILE C 35 16.48 -5.52 22.11
N ASP C 36 15.97 -4.31 21.88
CA ASP C 36 15.78 -3.32 22.92
C ASP C 36 14.52 -2.53 22.62
N VAL C 37 13.87 -2.05 23.67
CA VAL C 37 12.61 -1.32 23.56
C VAL C 37 12.69 -0.06 24.39
N ILE C 38 12.33 1.07 23.79
CA ILE C 38 12.21 2.34 24.49
C ILE C 38 10.83 2.92 24.17
N VAL C 39 10.09 3.29 25.20
CA VAL C 39 8.73 3.79 25.05
C VAL C 39 8.80 5.31 24.88
N TYR C 40 8.50 5.78 23.67
CA TYR C 40 8.59 7.20 23.37
C TYR C 40 7.32 7.95 23.78
N ALA C 41 6.17 7.30 23.69
CA ALA C 41 4.92 7.94 24.07
C ALA C 41 3.82 6.89 24.15
N ILE C 42 2.74 7.25 24.84
CA ILE C 42 1.55 6.41 24.95
C ILE C 42 0.40 7.25 24.41
N LEU C 43 0.10 7.07 23.12
CA LEU C 43 -0.84 7.96 22.45
C LEU C 43 -2.26 7.80 22.99
N ASN C 44 -2.71 6.56 23.17
CA ASN C 44 -4.09 6.31 23.55
C ASN C 44 -4.20 5.02 24.35
N VAL C 45 -5.09 5.02 25.33
CA VAL C 45 -5.43 3.83 26.11
C VAL C 45 -6.95 3.72 26.07
N ASP C 46 -7.45 2.74 25.34
CA ASP C 46 -8.88 2.57 25.10
C ASP C 46 -9.41 1.45 25.98
N GLU C 47 -10.14 1.80 27.03
CA GLU C 47 -10.77 0.79 27.86
C GLU C 47 -11.99 0.18 27.16
N LYS C 48 -12.67 0.96 26.32
CA LYS C 48 -13.84 0.45 25.63
C LYS C 48 -13.48 -0.73 24.73
N ASN C 49 -12.46 -0.56 23.88
CA ASN C 49 -12.02 -1.61 22.97
C ASN C 49 -10.92 -2.48 23.57
N GLN C 50 -10.47 -2.18 24.78
CA GLN C 50 -9.43 -2.96 25.44
C GLN C 50 -8.13 -2.99 24.61
N VAL C 51 -7.78 -1.84 24.03
CA VAL C 51 -6.54 -1.69 23.29
C VAL C 51 -5.88 -0.39 23.70
N LEU C 52 -4.54 -0.37 23.61
CA LEU C 52 -3.77 0.84 23.85
C LEU C 52 -2.72 0.99 22.76
N THR C 53 -2.39 2.23 22.45
CA THR C 53 -1.41 2.55 21.42
C THR C 53 -0.12 3.03 22.09
N THR C 54 1.01 2.48 21.64
CA THR C 54 2.31 2.86 22.15
C THR C 54 3.24 3.17 20.99
N TYR C 55 3.87 4.34 21.03
CA TYR C 55 4.89 4.74 20.07
C TYR C 55 6.24 4.46 20.73
N ILE C 56 6.86 3.36 20.34
CA ILE C 56 8.09 2.89 20.96
C ILE C 56 9.20 2.87 19.92
N TRP C 57 10.40 3.23 20.35
CA TRP C 57 11.59 3.17 19.50
C TRP C 57 12.22 1.78 19.67
N TYR C 58 12.28 1.02 18.58
CA TYR C 58 12.73 -0.36 18.60
C TYR C 58 14.05 -0.47 17.85
N ARG C 59 15.03 -1.12 18.47
CA ARG C 59 16.31 -1.39 17.84
C ARG C 59 16.71 -2.83 18.13
N GLN C 60 17.38 -3.44 17.16
CA GLN C 60 17.82 -4.81 17.28
C GLN C 60 19.10 -4.98 16.47
N TYR C 61 19.86 -6.02 16.81
CA TYR C 61 21.06 -6.33 16.06
C TYR C 61 21.28 -7.84 16.02
N TRP C 62 21.93 -8.29 14.96
CA TRP C 62 22.26 -9.69 14.78
C TRP C 62 23.51 -9.79 13.94
N THR C 63 24.00 -11.01 13.77
CA THR C 63 25.26 -11.28 13.09
C THR C 63 24.98 -11.94 11.73
N ASP C 64 25.45 -11.31 10.67
CA ASP C 64 25.42 -11.89 9.32
C ASP C 64 26.82 -12.41 9.03
N GLU C 65 26.99 -13.74 9.07
CA GLU C 65 28.30 -14.34 8.87
C GLU C 65 28.82 -14.16 7.45
N PHE C 66 27.97 -13.77 6.51
CA PHE C 66 28.41 -13.51 5.14
C PHE C 66 28.84 -12.07 4.93
N LEU C 67 28.22 -11.14 5.66
CA LEU C 67 28.44 -9.71 5.46
C LEU C 67 29.56 -9.19 6.35
N GLN C 68 30.74 -9.80 6.22
CA GLN C 68 31.91 -9.42 7.01
C GLN C 68 33.10 -9.23 6.09
N TRP C 69 34.02 -8.35 6.50
CA TRP C 69 35.16 -7.99 5.68
C TRP C 69 36.30 -7.55 6.60
N ASN C 70 37.50 -7.45 6.00
CA ASN C 70 38.66 -6.97 6.72
C ASN C 70 38.89 -5.49 6.37
N PRO C 71 38.78 -4.57 7.33
CA PRO C 71 38.77 -3.14 6.95
C PRO C 71 39.97 -2.66 6.16
N GLU C 72 41.17 -3.16 6.47
CA GLU C 72 42.37 -2.62 5.84
C GLU C 72 42.39 -2.83 4.32
N ASP C 73 41.53 -3.69 3.79
CA ASP C 73 41.41 -3.85 2.35
C ASP C 73 40.40 -2.89 1.72
N PHE C 74 39.68 -2.12 2.53
CA PHE C 74 38.64 -1.21 2.05
C PHE C 74 38.77 0.16 2.71
N ASP C 75 39.99 0.69 2.73
CA ASP C 75 40.26 2.02 3.27
C ASP C 75 39.81 2.12 4.73
N ASN C 76 40.02 1.05 5.49
CA ASN C 76 39.74 1.04 6.93
C ASN C 76 38.29 1.40 7.22
N ILE C 77 37.38 0.94 6.38
CA ILE C 77 35.95 1.15 6.61
C ILE C 77 35.49 0.17 7.67
N THR C 78 35.09 0.69 8.83
CA THR C 78 34.65 -0.15 9.94
C THR C 78 33.15 -0.39 9.93
N LYS C 79 32.37 0.53 9.37
CA LYS C 79 30.92 0.35 9.29
C LYS C 79 30.38 1.14 8.10
N LEU C 80 29.27 0.65 7.56
CA LEU C 80 28.61 1.30 6.44
C LEU C 80 27.13 0.98 6.48
N SER C 81 26.34 1.73 5.71
CA SER C 81 24.90 1.59 5.67
C SER C 81 24.46 1.13 4.30
N ILE C 82 23.57 0.15 4.26
CA ILE C 82 22.98 -0.34 3.02
C ILE C 82 21.50 -0.58 3.23
N PRO C 83 20.72 -0.65 2.15
CA PRO C 83 19.27 -0.78 2.30
C PRO C 83 18.89 -2.04 3.07
N THR C 84 17.83 -1.92 3.87
CA THR C 84 17.38 -3.04 4.69
C THR C 84 16.80 -4.16 3.83
N ASP C 85 16.27 -3.83 2.66
CA ASP C 85 15.67 -4.82 1.78
C ASP C 85 16.69 -5.59 0.95
N SER C 86 17.98 -5.27 1.08
CA SER C 86 19.03 -5.97 0.36
C SER C 86 19.69 -7.07 1.18
N ILE C 87 19.21 -7.32 2.40
CA ILE C 87 19.81 -8.32 3.29
C ILE C 87 18.70 -9.09 3.98
N TRP C 88 19.10 -10.19 4.63
CA TRP C 88 18.18 -10.97 5.42
C TRP C 88 17.81 -10.22 6.69
N VAL C 89 16.53 -10.24 7.05
CA VAL C 89 16.04 -9.55 8.23
C VAL C 89 15.15 -10.52 9.01
N PRO C 90 15.37 -10.71 10.31
CA PRO C 90 14.55 -11.66 11.06
C PRO C 90 13.09 -11.25 11.10
N ASP C 91 12.22 -12.25 11.11
CA ASP C 91 10.78 -12.00 11.19
C ASP C 91 10.37 -11.89 12.65
N ILE C 92 11.03 -11.02 13.41
CA ILE C 92 10.72 -10.81 14.82
C ILE C 92 9.51 -9.89 14.89
N LEU C 93 8.35 -10.46 15.18
CA LEU C 93 7.09 -9.74 15.18
C LEU C 93 6.46 -9.77 16.56
N ILE C 94 5.77 -8.69 16.90
CA ILE C 94 5.11 -8.53 18.18
C ILE C 94 3.72 -9.15 18.11
N ASN C 95 3.47 -10.14 18.96
CA ASN C 95 2.12 -10.70 19.06
C ASN C 95 1.21 -9.70 19.77
N GLU C 96 -0.03 -10.10 19.99
CA GLU C 96 -1.04 -9.29 20.66
C GLU C 96 -1.34 -8.01 19.89
N PHE C 97 -0.85 -7.89 18.65
CA PHE C 97 -1.04 -6.68 17.88
C PHE C 97 -2.42 -6.65 17.24
N VAL C 98 -2.90 -5.43 16.99
CA VAL C 98 -4.15 -5.22 16.27
C VAL C 98 -3.99 -4.31 15.07
N ASP C 99 -2.94 -3.49 15.00
CA ASP C 99 -2.68 -2.65 13.84
C ASP C 99 -1.24 -2.16 13.92
N VAL C 100 -0.47 -2.40 12.86
CA VAL C 100 0.91 -1.96 12.78
C VAL C 100 1.20 -1.19 11.49
N GLY C 101 0.20 -0.98 10.64
CA GLY C 101 0.44 -0.31 9.37
C GLY C 101 0.95 1.11 9.49
N LYS C 102 0.72 1.75 10.64
CA LYS C 102 1.17 3.12 10.84
C LYS C 102 2.69 3.24 10.89
N SER C 103 3.40 2.13 11.04
CA SER C 103 4.86 2.18 11.16
C SER C 103 5.49 2.34 9.78
N PRO C 104 6.32 3.35 9.56
CA PRO C 104 7.02 3.46 8.27
C PRO C 104 8.20 2.51 8.20
N ASN C 105 8.48 2.06 6.98
CA ASN C 105 9.59 1.14 6.75
C ASN C 105 10.88 1.93 6.61
N ILE C 106 11.83 1.68 7.52
CA ILE C 106 13.11 2.40 7.47
C ILE C 106 13.95 1.85 6.32
N PRO C 107 14.58 2.71 5.50
CA PRO C 107 15.31 2.16 4.35
C PRO C 107 16.61 1.46 4.70
N TYR C 108 17.41 2.03 5.59
CA TYR C 108 18.80 1.63 5.76
C TYR C 108 19.02 0.93 7.10
N VAL C 109 20.09 0.14 7.14
CA VAL C 109 20.56 -0.51 8.35
C VAL C 109 22.08 -0.40 8.40
N TYR C 110 22.61 -0.20 9.61
CA TYR C 110 24.04 -0.12 9.79
C TYR C 110 24.65 -1.52 9.86
N ILE C 111 25.87 -1.63 9.36
CA ILE C 111 26.60 -2.90 9.32
C ILE C 111 28.05 -2.64 9.68
N ARG C 112 28.62 -3.54 10.48
CA ARG C 112 30.00 -3.43 10.94
C ARG C 112 30.82 -4.58 10.39
N HIS C 113 32.14 -4.37 10.33
CA HIS C 113 33.01 -5.31 9.64
C HIS C 113 33.05 -6.69 10.29
N GLN C 114 32.58 -6.80 11.55
CA GLN C 114 32.50 -8.12 12.18
C GLN C 114 31.37 -8.95 11.60
N GLY C 115 30.45 -8.35 10.85
CA GLY C 115 29.24 -9.00 10.41
C GLY C 115 28.00 -8.58 11.18
N GLU C 116 28.16 -7.76 12.21
CA GLU C 116 27.02 -7.32 13.01
C GLU C 116 26.15 -6.37 12.22
N VAL C 117 24.84 -6.58 12.26
CA VAL C 117 23.86 -5.74 11.61
C VAL C 117 23.03 -5.05 12.69
N GLN C 118 22.88 -3.74 12.58
CA GLN C 118 22.09 -2.95 13.52
C GLN C 118 20.92 -2.32 12.78
N ASN C 119 19.71 -2.57 13.28
CA ASN C 119 18.48 -2.08 12.66
C ASN C 119 17.72 -1.25 13.68
N TYR C 120 17.54 0.04 13.37
CA TYR C 120 16.75 0.94 14.19
C TYR C 120 15.47 1.28 13.43
N LYS C 121 14.32 1.09 14.08
CA LYS C 121 13.04 1.33 13.44
C LYS C 121 12.03 1.79 14.46
N PRO C 122 11.07 2.62 14.08
CA PRO C 122 9.97 2.97 14.98
C PRO C 122 8.79 2.02 14.84
N LEU C 123 8.01 1.93 15.91
CA LEU C 123 6.84 1.07 15.94
C LEU C 123 5.65 1.87 16.46
N GLN C 124 4.58 1.93 15.67
CA GLN C 124 3.33 2.59 16.03
C GLN C 124 2.26 1.55 16.35
N VAL C 125 2.66 0.46 17.02
CA VAL C 125 1.79 -0.69 17.19
C VAL C 125 0.70 -0.39 18.20
N VAL C 126 -0.51 -0.87 17.91
CA VAL C 126 -1.60 -0.90 18.87
C VAL C 126 -1.84 -2.35 19.25
N THR C 127 -1.89 -2.61 20.56
CA THR C 127 -1.96 -3.97 21.08
C THR C 127 -3.26 -4.17 21.85
N ALA C 128 -3.73 -5.42 21.85
CA ALA C 128 -4.94 -5.80 22.59
C ALA C 128 -4.53 -6.43 23.91
N CYS C 129 -4.96 -5.82 25.01
CA CYS C 129 -4.65 -6.36 26.34
C CYS C 129 -5.76 -5.95 27.29
N SER C 130 -5.85 -6.68 28.40
CA SER C 130 -6.92 -6.45 29.37
C SER C 130 -6.67 -5.15 30.12
N LEU C 131 -7.66 -4.26 30.09
CA LEU C 131 -7.59 -2.98 30.78
C LEU C 131 -8.84 -2.82 31.63
N ASP C 132 -8.69 -2.97 32.94
CA ASP C 132 -9.81 -2.80 33.86
C ASP C 132 -9.88 -1.35 34.36
N ILE C 133 -11.10 -0.89 34.57
CA ILE C 133 -11.35 0.49 34.97
C ILE C 133 -11.89 0.49 36.40
N TYR C 134 -11.51 -0.52 37.18
CA TYR C 134 -12.00 -0.66 38.54
C TYR C 134 -11.56 0.52 39.40
N ASN C 135 -10.31 0.95 39.28
CA ASN C 135 -9.74 2.03 40.07
C ASN C 135 -9.60 3.30 39.25
N PHE C 136 -10.63 3.63 38.46
CA PHE C 136 -10.59 4.68 37.46
C PHE C 136 -9.84 5.92 37.92
N PRO C 137 -10.23 6.55 39.04
CA PRO C 137 -9.57 7.81 39.41
C PRO C 137 -8.08 7.67 39.61
N PHE C 138 -7.64 6.53 40.16
CA PHE C 138 -6.23 6.24 40.40
C PHE C 138 -5.85 4.92 39.76
N ASP C 139 -6.31 4.71 38.53
CA ASP C 139 -6.14 3.43 37.86
C ASP C 139 -4.67 3.19 37.51
N VAL C 140 -4.25 1.93 37.64
CA VAL C 140 -2.93 1.48 37.21
C VAL C 140 -3.13 0.27 36.30
N GLN C 141 -2.54 0.33 35.12
CA GLN C 141 -2.72 -0.70 34.10
C GLN C 141 -1.41 -1.45 33.89
N ASN C 142 -1.54 -2.66 33.34
CA ASN C 142 -0.41 -3.56 33.14
C ASN C 142 -0.62 -4.27 31.81
N CYS C 143 -0.05 -3.71 30.75
CA CYS C 143 -0.14 -4.26 29.41
C CYS C 143 1.22 -4.77 28.98
N SER C 144 1.24 -5.75 28.09
CA SER C 144 2.45 -6.47 27.73
C SER C 144 2.69 -6.44 26.23
N LEU C 145 3.97 -6.36 25.86
CA LEU C 145 4.42 -6.53 24.49
C LEU C 145 5.35 -7.74 24.45
N THR C 146 5.05 -8.70 23.59
CA THR C 146 5.86 -9.91 23.43
C THR C 146 6.39 -9.96 22.01
N PHE C 147 7.72 -9.94 21.88
CA PHE C 147 8.39 -10.02 20.59
C PHE C 147 8.88 -11.44 20.37
N THR C 148 8.57 -12.00 19.20
CA THR C 148 8.93 -13.37 18.91
C THR C 148 9.29 -13.52 17.44
N SER C 149 10.13 -14.49 17.14
CA SER C 149 10.32 -14.95 15.77
C SER C 149 9.06 -15.67 15.33
N TRP C 150 8.27 -15.03 14.47
CA TRP C 150 6.93 -15.54 14.18
C TRP C 150 6.97 -16.97 13.69
N LEU C 151 7.87 -17.27 12.75
CA LEU C 151 7.96 -18.59 12.14
C LEU C 151 9.12 -19.41 12.69
N HIS C 152 10.32 -18.82 12.73
CA HIS C 152 11.51 -19.58 13.10
C HIS C 152 11.44 -20.05 14.54
N THR C 153 11.88 -21.28 14.76
CA THR C 153 11.96 -21.85 16.11
C THR C 153 13.20 -21.34 16.82
N ILE C 154 13.37 -21.75 18.08
CA ILE C 154 14.53 -21.33 18.85
C ILE C 154 15.81 -21.84 18.23
N GLN C 155 15.76 -23.02 17.58
CA GLN C 155 16.94 -23.58 16.95
C GLN C 155 17.39 -22.79 15.72
N ASP C 156 16.57 -21.85 15.24
CA ASP C 156 16.93 -20.98 14.12
C ASP C 156 17.11 -19.53 14.54
N ILE C 157 16.20 -19.00 15.35
CA ILE C 157 16.28 -17.62 15.82
C ILE C 157 16.05 -17.61 17.32
N ASN C 158 16.93 -16.92 18.05
CA ASN C 158 16.78 -16.72 19.48
C ASN C 158 16.85 -15.24 19.80
N ILE C 159 16.13 -14.83 20.84
CA ILE C 159 15.95 -13.42 21.17
C ILE C 159 16.60 -13.15 22.51
N SER C 160 17.38 -12.07 22.59
CA SER C 160 18.06 -11.66 23.81
C SER C 160 17.91 -10.16 23.98
N LEU C 161 18.44 -9.65 25.10
CA LEU C 161 18.37 -8.23 25.41
C LEU C 161 19.66 -7.52 24.99
N TRP C 162 19.50 -6.36 24.37
CA TRP C 162 20.65 -5.53 24.06
C TRP C 162 21.29 -4.99 25.32
N ARG C 163 20.49 -4.41 26.21
CA ARG C 163 20.97 -3.84 27.45
C ARG C 163 20.60 -4.75 28.62
N LEU C 164 21.16 -4.43 29.79
CA LEU C 164 20.84 -5.19 30.98
C LEU C 164 19.39 -4.95 31.37
N PRO C 165 18.73 -5.95 31.98
CA PRO C 165 17.29 -5.80 32.26
C PRO C 165 16.96 -4.61 33.14
N GLU C 166 17.80 -4.31 34.12
CA GLU C 166 17.48 -3.23 35.05
C GLU C 166 17.59 -1.86 34.39
N LYS C 167 18.53 -1.69 33.45
CA LYS C 167 18.67 -0.41 32.77
C LYS C 167 17.46 -0.11 31.89
N VAL C 168 16.92 -1.13 31.22
CA VAL C 168 15.74 -0.94 30.40
C VAL C 168 14.45 -0.93 31.21
N LYS C 169 14.45 -1.54 32.40
CA LYS C 169 13.26 -1.52 33.25
C LYS C 169 12.95 -0.13 33.80
N SER C 170 13.96 0.73 33.90
CA SER C 170 13.76 2.08 34.43
C SER C 170 14.19 3.12 33.41
N ASP C 171 13.79 2.94 32.15
CA ASP C 171 14.17 3.82 31.06
C ASP C 171 13.01 4.76 30.75
N ARG C 172 13.13 6.01 31.20
CA ARG C 172 12.20 7.08 30.89
C ARG C 172 12.94 8.24 30.23
N SER C 173 14.01 7.92 29.50
CA SER C 173 14.94 8.95 29.04
C SER C 173 14.39 9.76 27.88
N VAL C 174 13.47 9.19 27.09
CA VAL C 174 12.93 9.89 25.92
C VAL C 174 11.42 9.88 25.96
N PHE C 175 10.84 9.48 27.09
CA PHE C 175 9.39 9.42 27.21
C PHE C 175 8.78 10.81 27.12
N MET C 176 7.65 10.90 26.41
CA MET C 176 6.86 12.13 26.37
C MET C 176 6.06 12.20 27.68
N ASN C 177 6.69 12.75 28.71
CA ASN C 177 6.10 12.76 30.05
C ASN C 177 5.24 13.99 30.26
N GLN C 178 4.23 14.13 29.40
CA GLN C 178 3.25 15.20 29.54
C GLN C 178 1.85 14.74 29.16
N GLY C 179 1.62 13.43 29.04
CA GLY C 179 0.32 12.91 28.69
C GLY C 179 -0.49 12.50 29.91
N GLU C 180 -1.66 11.91 29.64
CA GLU C 180 -2.53 11.46 30.71
C GLU C 180 -1.94 10.32 31.50
N TRP C 181 -1.01 9.56 30.93
CA TRP C 181 -0.45 8.38 31.55
C TRP C 181 1.03 8.57 31.87
N GLU C 182 1.47 7.97 32.97
CA GLU C 182 2.85 8.00 33.40
C GLU C 182 3.42 6.59 33.37
N LEU C 183 4.63 6.44 32.83
CA LEU C 183 5.26 5.15 32.68
C LEU C 183 6.06 4.82 33.92
N LEU C 184 5.71 3.72 34.59
CA LEU C 184 6.42 3.31 35.80
C LEU C 184 7.57 2.36 35.51
N GLY C 185 7.48 1.56 34.47
CA GLY C 185 8.57 0.66 34.13
C GLY C 185 8.21 -0.19 32.92
N VAL C 186 9.25 -0.78 32.33
CA VAL C 186 9.12 -1.67 31.18
C VAL C 186 9.87 -2.95 31.54
N LEU C 187 9.15 -3.92 32.11
CA LEU C 187 9.79 -5.11 32.66
C LEU C 187 9.96 -6.16 31.57
N PRO C 188 11.17 -6.60 31.26
CA PRO C 188 11.36 -7.67 30.29
C PRO C 188 11.17 -9.04 30.92
N TYR C 189 11.02 -10.03 30.05
CA TYR C 189 10.89 -11.42 30.49
C TYR C 189 11.06 -12.37 29.31
N PHE C 190 11.91 -13.39 29.47
CA PHE C 190 12.18 -14.36 28.43
C PHE C 190 11.51 -15.68 28.78
N ARG C 191 10.81 -16.25 27.79
CA ARG C 191 10.11 -17.52 27.98
C ARG C 191 10.15 -18.31 26.68
N GLU C 192 10.31 -19.62 26.80
CA GLU C 192 10.25 -20.52 25.66
C GLU C 192 8.82 -20.98 25.46
N PHE C 193 8.23 -20.62 24.32
CA PHE C 193 6.84 -20.90 24.03
C PHE C 193 6.75 -22.12 23.12
N SER C 194 5.92 -23.09 23.51
CA SER C 194 5.80 -24.35 22.77
C SER C 194 4.37 -24.84 22.88
N MET C 195 3.81 -25.23 21.75
CA MET C 195 2.48 -25.84 21.70
C MET C 195 2.51 -27.23 21.11
N GLU C 196 3.19 -27.41 19.98
CA GLU C 196 3.42 -28.73 19.43
C GLU C 196 4.47 -29.48 20.27
N SER C 197 4.54 -30.79 20.05
CA SER C 197 5.38 -31.63 20.88
C SER C 197 6.87 -31.51 20.56
N SER C 198 7.24 -30.79 19.50
CA SER C 198 8.63 -30.71 19.08
C SER C 198 9.13 -29.30 18.79
N ASN C 199 8.26 -28.30 18.69
CA ASN C 199 8.65 -26.95 18.31
C ASN C 199 8.68 -26.05 19.53
N TYR C 200 9.81 -25.37 19.72
CA TYR C 200 9.99 -24.38 20.77
C TYR C 200 10.34 -23.05 20.13
N TYR C 201 9.64 -21.99 20.52
CA TYR C 201 9.86 -20.66 20.00
C TYR C 201 10.26 -19.73 21.15
N ALA C 202 11.21 -18.84 20.87
CA ALA C 202 11.70 -17.90 21.87
C ALA C 202 10.99 -16.56 21.72
N GLU C 203 10.50 -16.03 22.83
CA GLU C 203 9.83 -14.74 22.83
C GLU C 203 10.25 -13.96 24.07
N MET C 204 10.13 -12.64 23.97
CA MET C 204 10.53 -11.73 25.03
C MET C 204 9.37 -10.81 25.35
N LYS C 205 8.84 -10.93 26.56
CA LYS C 205 7.69 -10.14 26.99
C LYS C 205 8.15 -8.88 27.70
N PHE C 206 7.62 -7.74 27.26
CA PHE C 206 7.87 -6.45 27.88
C PHE C 206 6.57 -5.95 28.50
N TYR C 207 6.55 -5.82 29.82
CA TYR C 207 5.37 -5.34 30.54
C TYR C 207 5.49 -3.84 30.72
N VAL C 208 4.61 -3.08 30.06
CA VAL C 208 4.57 -1.63 30.22
C VAL C 208 3.61 -1.31 31.35
N VAL C 209 4.14 -0.78 32.45
CA VAL C 209 3.36 -0.47 33.64
C VAL C 209 3.09 1.02 33.64
N ILE C 210 1.81 1.40 33.70
CA ILE C 210 1.40 2.79 33.61
C ILE C 210 0.29 3.05 34.61
N ARG C 211 0.31 4.24 35.23
CA ARG C 211 -0.72 4.67 36.15
C ARG C 211 -1.24 6.03 35.72
N ARG C 212 -2.55 6.21 35.84
CA ARG C 212 -3.19 7.44 35.39
C ARG C 212 -2.83 8.61 36.30
N ARG C 213 -3.04 9.81 35.78
CA ARG C 213 -2.77 11.03 36.53
C ARG C 213 -3.62 12.19 36.00
N ARG D 3 21.73 10.37 -30.61
CA ARG D 3 21.12 10.35 -29.25
C ARG D 3 20.90 11.76 -28.71
N PRO D 4 19.72 12.03 -28.16
CA PRO D 4 19.49 13.34 -27.54
C PRO D 4 20.31 13.51 -26.28
N ALA D 5 20.59 14.78 -25.96
CA ALA D 5 21.50 15.08 -24.86
C ALA D 5 21.00 14.52 -23.54
N LEU D 6 19.70 14.64 -23.28
CA LEU D 6 19.14 14.18 -22.01
C LEU D 6 19.37 12.68 -21.83
N LEU D 7 19.12 11.90 -22.88
CA LEU D 7 19.28 10.46 -22.79
C LEU D 7 20.76 10.10 -22.58
N ARG D 8 21.66 10.76 -23.31
CA ARG D 8 23.08 10.51 -23.12
C ARG D 8 23.50 10.80 -21.68
N LEU D 9 23.05 11.92 -21.13
CA LEU D 9 23.42 12.27 -19.76
C LEU D 9 22.85 11.26 -18.76
N SER D 10 21.58 10.87 -18.96
CA SER D 10 20.97 9.92 -18.04
C SER D 10 21.72 8.59 -18.06
N ASP D 11 22.10 8.11 -19.24
CA ASP D 11 22.88 6.88 -19.32
C ASP D 11 24.23 7.05 -18.64
N TYR D 12 24.97 8.10 -19.00
CA TYR D 12 26.29 8.34 -18.43
C TYR D 12 26.23 8.38 -16.91
N LEU D 13 25.13 8.90 -16.36
CA LEU D 13 25.02 9.02 -14.91
C LEU D 13 24.61 7.69 -14.26
N LEU D 14 23.53 7.08 -14.72
CA LEU D 14 22.91 5.99 -14.00
C LEU D 14 23.41 4.61 -14.42
N THR D 15 24.22 4.49 -15.47
CA THR D 15 24.73 3.19 -15.86
C THR D 15 25.90 2.74 -15.00
N ASN D 16 26.55 3.66 -14.29
CA ASN D 16 27.67 3.34 -13.43
C ASN D 16 27.41 3.88 -12.03
N TYR D 17 26.19 3.67 -11.53
CA TYR D 17 25.77 4.21 -10.24
C TYR D 17 24.78 3.25 -9.62
N ARG D 18 24.89 3.10 -8.30
CA ARG D 18 23.99 2.27 -7.52
C ARG D 18 23.57 3.00 -6.25
N LYS D 19 22.32 2.78 -5.86
CA LYS D 19 21.64 3.59 -4.87
C LYS D 19 21.90 3.15 -3.43
N GLY D 20 22.53 2.00 -3.22
CA GLY D 20 22.72 1.51 -1.87
C GLY D 20 23.67 2.36 -1.05
N VAL D 21 24.76 2.82 -1.65
CA VAL D 21 25.83 3.44 -0.89
C VAL D 21 25.54 4.93 -0.68
N ARG D 22 26.15 5.48 0.35
CA ARG D 22 26.10 6.92 0.57
C ARG D 22 26.99 7.61 -0.47
N PRO D 23 26.47 8.60 -1.21
CA PRO D 23 27.21 9.15 -2.35
C PRO D 23 28.32 10.14 -1.97
N VAL D 24 29.46 9.58 -1.56
CA VAL D 24 30.65 10.36 -1.23
C VAL D 24 31.88 9.63 -1.75
N ARG D 25 32.81 10.40 -2.33
CA ARG D 25 34.06 9.81 -2.80
C ARG D 25 34.87 9.25 -1.65
N ASP D 26 34.93 9.97 -0.54
CA ASP D 26 35.65 9.55 0.66
C ASP D 26 34.65 9.28 1.77
N TRP D 27 34.69 8.07 2.33
CA TRP D 27 33.77 7.70 3.38
C TRP D 27 34.00 8.49 4.66
N ARG D 28 35.15 9.16 4.79
CA ARG D 28 35.50 9.85 6.01
C ARG D 28 34.78 11.19 6.17
N LYS D 29 34.06 11.64 5.15
CA LYS D 29 33.37 12.93 5.21
C LYS D 29 31.87 12.73 5.32
N PRO D 30 31.18 13.53 6.13
CA PRO D 30 29.73 13.39 6.24
C PRO D 30 28.99 13.98 5.05
N THR D 31 27.74 13.57 4.89
CA THR D 31 26.87 14.05 3.82
C THR D 31 25.95 15.11 4.41
N THR D 32 26.30 16.38 4.21
CA THR D 32 25.53 17.49 4.75
C THR D 32 24.23 17.64 3.97
N VAL D 33 23.12 17.76 4.69
CA VAL D 33 21.80 17.93 4.11
C VAL D 33 21.22 19.25 4.62
N SER D 34 20.80 20.10 3.69
CA SER D 34 20.16 21.36 4.03
C SER D 34 18.67 21.25 3.80
N ILE D 35 17.87 21.59 4.81
CA ILE D 35 16.43 21.41 4.76
C ILE D 35 15.75 22.76 5.00
N ASP D 36 14.49 22.83 4.57
CA ASP D 36 13.66 24.00 4.77
C ASP D 36 12.23 23.54 5.00
N VAL D 37 11.48 24.33 5.75
CA VAL D 37 10.11 23.99 6.11
C VAL D 37 9.23 25.22 5.90
N ILE D 38 8.12 25.03 5.20
CA ILE D 38 7.10 26.05 5.02
C ILE D 38 5.76 25.45 5.41
N VAL D 39 5.04 26.14 6.28
CA VAL D 39 3.77 25.64 6.79
C VAL D 39 2.65 26.14 5.87
N TYR D 40 2.05 25.20 5.13
CA TYR D 40 1.02 25.56 4.16
C TYR D 40 -0.36 25.67 4.81
N ALA D 41 -0.62 24.86 5.84
CA ALA D 41 -1.90 24.90 6.52
C ALA D 41 -1.82 24.10 7.81
N ILE D 42 -2.77 24.36 8.70
CA ILE D 42 -2.90 23.64 9.96
C ILE D 42 -4.30 23.04 9.94
N LEU D 43 -4.41 21.79 9.49
CA LEU D 43 -5.73 21.20 9.25
C LEU D 43 -6.50 21.00 10.55
N ASN D 44 -5.85 20.47 11.58
CA ASN D 44 -6.55 20.12 12.80
C ASN D 44 -5.61 20.22 13.99
N VAL D 45 -6.15 20.65 15.12
CA VAL D 45 -5.44 20.68 16.40
C VAL D 45 -6.35 19.98 17.41
N ASP D 46 -5.95 18.78 17.82
CA ASP D 46 -6.77 17.92 18.68
C ASP D 46 -6.22 17.98 20.09
N GLU D 47 -6.93 18.68 20.98
CA GLU D 47 -6.55 18.70 22.38
C GLU D 47 -6.90 17.39 23.07
N LYS D 48 -7.97 16.72 22.62
CA LYS D 48 -8.37 15.47 23.23
C LYS D 48 -7.26 14.42 23.10
N ASN D 49 -6.77 14.20 21.89
CA ASN D 49 -5.72 13.23 21.63
C ASN D 49 -4.33 13.82 21.72
N GLN D 50 -4.21 15.13 21.96
CA GLN D 50 -2.91 15.79 22.08
C GLN D 50 -2.08 15.63 20.81
N VAL D 51 -2.75 15.76 19.65
CA VAL D 51 -2.07 15.72 18.36
C VAL D 51 -2.62 16.84 17.49
N LEU D 52 -1.77 17.34 16.59
CA LEU D 52 -2.18 18.33 15.60
C LEU D 52 -1.64 17.93 14.24
N THR D 53 -2.39 18.30 13.20
CA THR D 53 -2.03 17.99 11.83
C THR D 53 -1.53 19.25 11.14
N THR D 54 -0.40 19.14 10.45
CA THR D 54 0.19 20.24 9.71
C THR D 54 0.50 19.79 8.30
N TYR D 55 0.03 20.56 7.32
CA TYR D 55 0.36 20.35 5.91
C TYR D 55 1.46 21.34 5.57
N ILE D 56 2.69 20.84 5.52
CA ILE D 56 3.88 21.67 5.34
C ILE D 56 4.57 21.28 4.04
N TRP D 57 5.10 22.27 3.34
CA TRP D 57 5.89 22.04 2.14
C TRP D 57 7.35 21.89 2.54
N TYR D 58 7.92 20.71 2.28
CA TYR D 58 9.26 20.36 2.71
C TYR D 58 10.18 20.25 1.50
N ARG D 59 11.33 20.91 1.57
CA ARG D 59 12.35 20.82 0.53
C ARG D 59 13.70 20.65 1.19
N GLN D 60 14.57 19.89 0.52
CA GLN D 60 15.91 19.63 1.02
C GLN D 60 16.84 19.42 -0.16
N TYR D 61 18.13 19.61 0.09
CA TYR D 61 19.11 19.37 -0.96
C TYR D 61 20.40 18.84 -0.33
N TRP D 62 21.13 18.05 -1.13
CA TRP D 62 22.40 17.48 -0.70
C TRP D 62 23.26 17.26 -1.94
N THR D 63 24.50 16.85 -1.71
CA THR D 63 25.49 16.70 -2.77
C THR D 63 25.77 15.22 -3.01
N ASP D 64 25.54 14.78 -4.25
CA ASP D 64 25.92 13.45 -4.69
C ASP D 64 27.21 13.57 -5.49
N GLU D 65 28.32 13.15 -4.88
CA GLU D 65 29.62 13.30 -5.52
C GLU D 65 29.78 12.42 -6.76
N PHE D 66 28.89 11.44 -6.96
CA PHE D 66 28.93 10.60 -8.14
C PHE D 66 28.11 11.18 -9.29
N LEU D 67 27.03 11.89 -8.96
CA LEU D 67 26.08 12.39 -9.96
C LEU D 67 26.46 13.79 -10.43
N GLN D 68 27.68 13.94 -10.94
CA GLN D 68 28.18 15.20 -11.43
C GLN D 68 28.77 15.02 -12.82
N TRP D 69 28.71 16.08 -13.62
CA TRP D 69 29.16 16.03 -15.00
C TRP D 69 29.60 17.43 -15.43
N ASN D 70 30.27 17.47 -16.59
CA ASN D 70 30.70 18.74 -17.17
C ASN D 70 29.71 19.12 -18.27
N PRO D 71 28.97 20.23 -18.14
CA PRO D 71 27.86 20.48 -19.08
C PRO D 71 28.26 20.52 -20.55
N GLU D 72 29.43 21.07 -20.88
CA GLU D 72 29.78 21.26 -22.28
C GLU D 72 29.89 19.95 -23.06
N ASP D 73 29.96 18.81 -22.36
CA ASP D 73 29.95 17.52 -23.03
C ASP D 73 28.55 16.96 -23.24
N PHE D 74 27.52 17.64 -22.72
CA PHE D 74 26.14 17.17 -22.80
C PHE D 74 25.21 18.31 -23.22
N ASP D 75 25.60 19.04 -24.26
CA ASP D 75 24.79 20.12 -24.81
C ASP D 75 24.47 21.18 -23.75
N ASN D 76 25.45 21.46 -22.89
CA ASN D 76 25.33 22.52 -21.89
C ASN D 76 24.12 22.30 -20.98
N ILE D 77 23.84 21.05 -20.64
CA ILE D 77 22.77 20.74 -19.71
C ILE D 77 23.26 21.03 -18.30
N THR D 78 22.64 22.02 -17.66
CA THR D 78 23.04 22.41 -16.30
C THR D 78 22.24 21.69 -15.23
N LYS D 79 21.02 21.27 -15.52
CA LYS D 79 20.21 20.54 -14.56
C LYS D 79 19.22 19.65 -15.30
N LEU D 80 18.84 18.56 -14.65
CA LEU D 80 17.87 17.63 -15.21
C LEU D 80 17.17 16.91 -14.07
N SER D 81 16.05 16.26 -14.40
CA SER D 81 15.21 15.58 -13.42
C SER D 81 15.23 14.08 -13.70
N ILE D 82 15.38 13.29 -12.63
CA ILE D 82 15.33 11.84 -12.72
C ILE D 82 14.56 11.30 -11.53
N PRO D 83 14.05 10.07 -11.62
CA PRO D 83 13.21 9.54 -10.54
C PRO D 83 13.95 9.52 -9.21
N THR D 84 13.20 9.78 -8.14
CA THR D 84 13.80 9.82 -6.81
C THR D 84 14.24 8.44 -6.35
N ASP D 85 13.59 7.39 -6.86
CA ASP D 85 13.93 6.02 -6.45
C ASP D 85 15.14 5.47 -7.18
N SER D 86 15.73 6.23 -8.08
CA SER D 86 16.92 5.80 -8.81
C SER D 86 18.22 6.31 -8.19
N ILE D 87 18.14 7.01 -7.06
CA ILE D 87 19.32 7.60 -6.43
C ILE D 87 19.22 7.40 -4.92
N TRP D 88 20.34 7.65 -4.23
CA TRP D 88 20.36 7.61 -2.78
C TRP D 88 19.60 8.81 -2.22
N VAL D 89 18.79 8.55 -1.19
CA VAL D 89 18.00 9.60 -0.55
C VAL D 89 18.18 9.49 0.96
N PRO D 90 18.51 10.57 1.66
CA PRO D 90 18.75 10.47 3.10
C PRO D 90 17.48 10.06 3.84
N ASP D 91 17.67 9.31 4.92
CA ASP D 91 16.55 8.88 5.75
C ASP D 91 16.25 9.95 6.79
N ILE D 92 16.05 11.18 6.35
CA ILE D 92 15.75 12.30 7.25
C ILE D 92 14.26 12.21 7.57
N LEU D 93 13.95 11.76 8.79
CA LEU D 93 12.59 11.52 9.21
C LEU D 93 12.25 12.38 10.42
N ILE D 94 10.98 12.80 10.49
CA ILE D 94 10.49 13.65 11.56
C ILE D 94 10.06 12.76 12.72
N ASN D 95 10.67 12.96 13.88
CA ASN D 95 10.22 12.27 15.09
C ASN D 95 8.91 12.87 15.56
N GLU D 96 8.41 12.38 16.69
CA GLU D 96 7.17 12.83 17.28
C GLU D 96 5.97 12.58 16.38
N PHE D 97 6.14 11.81 15.30
CA PHE D 97 5.08 11.59 14.35
C PHE D 97 4.12 10.50 14.84
N VAL D 98 2.89 10.59 14.38
CA VAL D 98 1.88 9.55 14.66
C VAL D 98 1.25 9.00 13.39
N ASP D 99 1.31 9.70 12.27
CA ASP D 99 0.80 9.19 11.00
C ASP D 99 1.36 10.04 9.88
N VAL D 100 2.01 9.39 8.91
CA VAL D 100 2.57 10.07 7.75
C VAL D 100 2.13 9.45 6.43
N GLY D 101 1.28 8.42 6.46
CA GLY D 101 0.89 7.74 5.25
C GLY D 101 0.13 8.61 4.26
N LYS D 102 -0.45 9.71 4.73
CA LYS D 102 -1.20 10.60 3.85
C LYS D 102 -0.30 11.32 2.84
N SER D 103 1.02 11.31 3.05
CA SER D 103 1.93 12.03 2.17
C SER D 103 2.17 11.22 0.90
N PRO D 104 1.93 11.77 -0.29
CA PRO D 104 2.26 11.05 -1.51
C PRO D 104 3.75 11.10 -1.82
N ASN D 105 4.24 10.04 -2.46
CA ASN D 105 5.64 9.96 -2.82
C ASN D 105 5.87 10.68 -4.14
N ILE D 106 6.71 11.72 -4.11
CA ILE D 106 6.99 12.49 -5.32
C ILE D 106 7.91 11.68 -6.22
N PRO D 107 7.65 11.60 -7.53
CA PRO D 107 8.49 10.74 -8.38
C PRO D 107 9.88 11.29 -8.63
N TYR D 108 10.00 12.58 -8.93
CA TYR D 108 11.22 13.14 -9.51
C TYR D 108 11.94 14.05 -8.53
N VAL D 109 13.25 14.21 -8.78
CA VAL D 109 14.09 15.15 -8.05
C VAL D 109 14.99 15.85 -9.04
N TYR D 110 15.23 17.14 -8.80
CA TYR D 110 16.11 17.91 -9.65
C TYR D 110 17.57 17.68 -9.27
N ILE D 111 18.43 17.71 -10.28
CA ILE D 111 19.86 17.48 -10.10
C ILE D 111 20.62 18.49 -10.95
N ARG D 112 21.71 19.02 -10.40
CA ARG D 112 22.54 20.02 -11.07
C ARG D 112 23.93 19.45 -11.31
N HIS D 113 24.62 20.03 -12.30
CA HIS D 113 25.88 19.45 -12.76
C HIS D 113 26.97 19.46 -11.70
N GLN D 114 26.80 20.24 -10.63
CA GLN D 114 27.76 20.20 -9.54
C GLN D 114 27.65 18.92 -8.71
N GLY D 115 26.56 18.18 -8.86
CA GLY D 115 26.25 17.06 -8.00
C GLY D 115 25.16 17.35 -6.99
N GLU D 116 24.67 18.58 -6.93
CA GLU D 116 23.64 18.94 -5.98
C GLU D 116 22.31 18.30 -6.38
N VAL D 117 21.63 17.72 -5.40
CA VAL D 117 20.32 17.11 -5.58
C VAL D 117 19.30 17.92 -4.79
N GLN D 118 18.21 18.29 -5.45
CA GLN D 118 17.13 19.04 -4.81
C GLN D 118 15.86 18.19 -4.81
N ASN D 119 15.28 18.02 -3.63
CA ASN D 119 14.09 17.20 -3.45
C ASN D 119 12.99 18.05 -2.82
N TYR D 120 11.89 18.23 -3.54
CA TYR D 120 10.72 18.92 -3.04
C TYR D 120 9.60 17.91 -2.83
N LYS D 121 9.04 17.89 -1.62
CA LYS D 121 7.99 16.93 -1.31
C LYS D 121 7.03 17.55 -0.31
N PRO D 122 5.75 17.15 -0.36
CA PRO D 122 4.81 17.58 0.69
C PRO D 122 4.76 16.60 1.84
N LEU D 123 4.35 17.12 3.00
CA LEU D 123 4.24 16.31 4.21
C LEU D 123 2.88 16.57 4.85
N GLN D 124 2.12 15.50 5.04
CA GLN D 124 0.82 15.54 5.71
C GLN D 124 0.92 14.96 7.11
N VAL D 125 2.03 15.23 7.80
CA VAL D 125 2.34 14.56 9.05
C VAL D 125 1.44 15.06 10.16
N VAL D 126 1.02 14.13 11.02
CA VAL D 126 0.36 14.45 12.28
C VAL D 126 1.33 14.10 13.40
N THR D 127 1.54 15.05 14.32
CA THR D 127 2.54 14.90 15.36
C THR D 127 1.88 14.92 16.73
N ALA D 128 2.52 14.23 17.68
CA ALA D 128 2.05 14.18 19.05
C ALA D 128 2.85 15.19 19.89
N CYS D 129 2.15 16.15 20.47
CA CYS D 129 2.79 17.15 21.31
C CYS D 129 1.80 17.63 22.36
N SER D 130 2.34 18.23 23.42
CA SER D 130 1.52 18.66 24.53
C SER D 130 0.73 19.90 24.14
N LEU D 131 -0.60 19.82 24.27
CA LEU D 131 -1.51 20.92 23.97
C LEU D 131 -2.40 21.16 25.17
N ASP D 132 -2.15 22.24 25.90
CA ASP D 132 -2.96 22.60 27.05
C ASP D 132 -4.09 23.54 26.63
N ILE D 133 -5.23 23.41 27.29
CA ILE D 133 -6.42 24.18 26.97
C ILE D 133 -6.71 25.13 28.12
N TYR D 134 -5.66 25.52 28.85
CA TYR D 134 -5.84 26.38 30.01
C TYR D 134 -6.42 27.74 29.61
N ASN D 135 -5.93 28.31 28.52
CA ASN D 135 -6.34 29.63 28.05
C ASN D 135 -7.26 29.52 26.84
N PHE D 136 -8.19 28.58 26.88
CA PHE D 136 -9.01 28.19 25.73
C PHE D 136 -9.45 29.37 24.88
N PRO D 137 -10.14 30.37 25.44
CA PRO D 137 -10.65 31.46 24.58
C PRO D 137 -9.55 32.17 23.82
N PHE D 138 -8.39 32.35 24.44
CA PHE D 138 -7.25 33.02 23.83
C PHE D 138 -6.02 32.13 23.90
N ASP D 139 -6.21 30.85 23.60
CA ASP D 139 -5.15 29.86 23.77
C ASP D 139 -4.03 30.09 22.76
N VAL D 140 -2.80 29.87 23.22
CA VAL D 140 -1.61 29.89 22.37
C VAL D 140 -0.86 28.59 22.60
N GLN D 141 -0.56 27.87 21.52
CA GLN D 141 0.06 26.56 21.59
C GLN D 141 1.47 26.62 21.02
N ASN D 142 2.29 25.66 21.42
CA ASN D 142 3.70 25.59 21.04
C ASN D 142 4.06 24.13 20.78
N CYS D 143 3.95 23.72 19.53
CA CYS D 143 4.27 22.36 19.10
C CYS D 143 5.53 22.38 18.26
N SER D 144 6.25 21.26 18.25
CA SER D 144 7.56 21.19 17.65
C SER D 144 7.65 20.07 16.61
N LEU D 145 8.39 20.33 15.54
CA LEU D 145 8.77 19.31 14.57
C LEU D 145 10.28 19.20 14.58
N THR D 146 10.79 17.98 14.77
CA THR D 146 12.22 17.71 14.79
C THR D 146 12.56 16.75 13.67
N PHE D 147 13.40 17.20 12.74
CA PHE D 147 13.85 16.38 11.62
C PHE D 147 15.24 15.84 11.90
N THR D 148 15.42 14.54 11.73
CA THR D 148 16.68 13.91 12.04
C THR D 148 16.96 12.79 11.05
N SER D 149 18.25 12.50 10.85
CA SER D 149 18.65 11.28 10.18
C SER D 149 18.37 10.11 11.12
N TRP D 150 17.35 9.33 10.79
CA TRP D 150 16.84 8.34 11.74
C TRP D 150 17.94 7.38 12.18
N LEU D 151 18.71 6.87 11.23
CA LEU D 151 19.75 5.88 11.51
C LEU D 151 21.14 6.49 11.50
N HIS D 152 21.48 7.25 10.46
CA HIS D 152 22.84 7.74 10.30
C HIS D 152 23.21 8.72 11.41
N THR D 153 24.45 8.60 11.90
CA THR D 153 24.97 9.50 12.90
C THR D 153 25.42 10.80 12.26
N ILE D 154 25.88 11.74 13.08
CA ILE D 154 26.35 13.02 12.57
C ILE D 154 27.55 12.83 11.66
N GLN D 155 28.37 11.82 11.94
CA GLN D 155 29.56 11.56 11.11
C GLN D 155 29.20 11.06 9.71
N ASP D 156 27.94 10.69 9.48
CA ASP D 156 27.48 10.27 8.16
C ASP D 156 26.51 11.26 7.53
N ILE D 157 25.54 11.76 8.29
CA ILE D 157 24.56 12.73 7.80
C ILE D 157 24.46 13.87 8.80
N ASN D 158 24.53 15.11 8.30
CA ASN D 158 24.35 16.29 9.12
C ASN D 158 23.28 17.16 8.48
N ILE D 159 22.54 17.88 9.31
CA ILE D 159 21.37 18.64 8.89
C ILE D 159 21.64 20.12 9.11
N SER D 160 21.32 20.93 8.10
CA SER D 160 21.50 22.37 8.15
C SER D 160 20.28 23.04 7.56
N LEU D 161 20.27 24.38 7.60
CA LEU D 161 19.17 25.17 7.08
C LEU D 161 19.46 25.64 5.66
N TRP D 162 18.45 25.52 4.81
CA TRP D 162 18.55 26.06 3.46
C TRP D 162 18.61 27.59 3.49
N ARG D 163 17.68 28.21 4.22
CA ARG D 163 17.60 29.66 4.33
C ARG D 163 18.09 30.10 5.70
N LEU D 164 18.27 31.42 5.84
CA LEU D 164 18.68 31.96 7.11
C LEU D 164 17.57 31.78 8.14
N PRO D 165 17.91 31.61 9.42
CA PRO D 165 16.88 31.30 10.42
C PRO D 165 15.79 32.35 10.52
N GLU D 166 16.15 33.64 10.40
CA GLU D 166 15.16 34.69 10.57
C GLU D 166 14.17 34.73 9.41
N LYS D 167 14.61 34.42 8.20
CA LYS D 167 13.70 34.42 7.06
C LYS D 167 12.67 33.32 7.16
N VAL D 168 13.05 32.15 7.66
CA VAL D 168 12.11 31.05 7.83
C VAL D 168 11.29 31.20 9.11
N LYS D 169 11.80 31.93 10.10
CA LYS D 169 11.06 32.14 11.34
C LYS D 169 9.82 33.02 11.13
N SER D 170 9.82 33.85 10.10
CA SER D 170 8.70 34.75 9.83
C SER D 170 8.14 34.49 8.43
N ASP D 171 7.97 33.22 8.07
CA ASP D 171 7.51 32.83 6.74
C ASP D 171 6.03 32.48 6.83
N ARG D 172 5.18 33.39 6.36
CA ARG D 172 3.74 33.16 6.22
C ARG D 172 3.32 33.40 4.77
N SER D 173 4.24 33.12 3.84
CA SER D 173 4.04 33.53 2.45
C SER D 173 3.02 32.66 1.72
N VAL D 174 2.82 31.42 2.14
CA VAL D 174 1.91 30.52 1.45
C VAL D 174 0.93 29.92 2.45
N PHE D 175 0.89 30.44 3.67
CA PHE D 175 0.01 29.91 4.70
C PHE D 175 -1.45 30.14 4.32
N MET D 176 -2.28 29.13 4.58
CA MET D 176 -3.73 29.26 4.42
C MET D 176 -4.26 30.03 5.64
N ASN D 177 -4.22 31.36 5.55
CA ASN D 177 -4.56 32.22 6.68
C ASN D 177 -6.05 32.52 6.72
N GLN D 178 -6.85 31.44 6.79
CA GLN D 178 -8.28 31.58 6.95
C GLN D 178 -8.86 30.50 7.87
N GLY D 179 -8.02 29.79 8.62
CA GLY D 179 -8.48 28.75 9.52
C GLY D 179 -8.66 29.27 10.93
N GLU D 180 -8.98 28.32 11.83
CA GLU D 180 -9.17 28.66 13.23
C GLU D 180 -7.88 29.11 13.91
N TRP D 181 -6.73 28.73 13.37
CA TRP D 181 -5.44 29.00 13.98
C TRP D 181 -4.61 29.95 13.12
N GLU D 182 -3.83 30.79 13.79
CA GLU D 182 -2.93 31.73 13.12
C GLU D 182 -1.50 31.38 13.48
N LEU D 183 -0.63 31.38 12.48
CA LEU D 183 0.76 31.00 12.66
C LEU D 183 1.59 32.22 13.03
N LEU D 184 2.21 32.20 14.21
CA LEU D 184 3.03 33.32 14.66
C LEU D 184 4.49 33.18 14.25
N GLY D 185 5.01 31.97 14.12
CA GLY D 185 6.38 31.78 13.71
C GLY D 185 6.74 30.31 13.68
N VAL D 186 7.84 30.03 12.99
CA VAL D 186 8.39 28.67 12.87
C VAL D 186 9.86 28.78 13.27
N LEU D 187 10.16 28.57 14.54
CA LEU D 187 11.49 28.80 15.08
C LEU D 187 12.36 27.57 14.89
N PRO D 188 13.47 27.65 14.16
CA PRO D 188 14.36 26.50 14.05
C PRO D 188 15.31 26.40 15.24
N TYR D 189 15.93 25.22 15.35
CA TYR D 189 16.91 24.98 16.40
C TYR D 189 17.70 23.71 16.12
N PHE D 190 19.02 23.79 16.19
CA PHE D 190 19.91 22.67 15.92
C PHE D 190 20.48 22.15 17.23
N ARG D 191 20.43 20.83 17.42
CA ARG D 191 20.94 20.19 18.63
C ARG D 191 21.51 18.82 18.26
N GLU D 192 22.60 18.47 18.92
CA GLU D 192 23.21 17.15 18.75
C GLU D 192 22.63 16.21 19.80
N PHE D 193 21.92 15.18 19.34
CA PHE D 193 21.21 14.25 20.21
C PHE D 193 22.06 13.00 20.37
N SER D 194 22.27 12.58 21.62
CA SER D 194 23.11 11.44 21.92
C SER D 194 22.56 10.73 23.16
N MET D 195 22.44 9.41 23.07
CA MET D 195 22.04 8.59 24.20
C MET D 195 23.10 7.56 24.56
N GLU D 196 23.64 6.86 23.58
CA GLU D 196 24.77 5.98 23.81
C GLU D 196 26.03 6.79 24.00
N SER D 197 27.08 6.14 24.52
CA SER D 197 28.30 6.83 24.90
C SER D 197 29.17 7.23 23.69
N SER D 198 28.81 6.79 22.48
CA SER D 198 29.63 7.06 21.31
C SER D 198 28.88 7.57 20.10
N ASN D 199 27.56 7.54 20.09
CA ASN D 199 26.77 7.92 18.92
C ASN D 199 26.16 9.29 19.12
N TYR D 200 26.38 10.18 18.16
CA TYR D 200 25.79 11.51 18.13
C TYR D 200 24.98 11.66 16.85
N TYR D 201 23.73 12.11 16.98
CA TYR D 201 22.85 12.31 15.85
C TYR D 201 22.46 13.78 15.77
N ALA D 202 22.37 14.29 14.55
CA ALA D 202 22.03 15.68 14.32
C ALA D 202 20.54 15.79 13.98
N GLU D 203 19.87 16.71 14.66
CA GLU D 203 18.44 16.95 14.43
C GLU D 203 18.18 18.44 14.45
N MET D 204 17.09 18.85 13.80
CA MET D 204 16.71 20.24 13.67
C MET D 204 15.26 20.38 14.12
N LYS D 205 15.05 21.12 15.22
CA LYS D 205 13.73 21.29 15.79
C LYS D 205 13.09 22.57 15.24
N PHE D 206 11.86 22.44 14.74
CA PHE D 206 11.07 23.57 14.26
C PHE D 206 9.87 23.73 15.18
N TYR D 207 9.82 24.85 15.89
CA TYR D 207 8.71 25.14 16.80
C TYR D 207 7.65 25.94 16.05
N VAL D 208 6.49 25.34 15.84
CA VAL D 208 5.37 26.02 15.20
C VAL D 208 4.54 26.68 16.30
N VAL D 209 4.53 28.00 16.32
CA VAL D 209 3.83 28.79 17.34
C VAL D 209 2.51 29.26 16.73
N ILE D 210 1.41 28.94 17.39
CA ILE D 210 0.08 29.24 16.87
C ILE D 210 -0.80 29.71 18.01
N ARG D 211 -1.66 30.70 17.73
CA ARG D 211 -2.63 31.19 18.70
C ARG D 211 -4.02 31.16 18.08
N ARG D 212 -5.00 30.80 18.89
CA ARG D 212 -6.36 30.64 18.42
C ARG D 212 -6.98 32.00 18.09
N ARG D 213 -8.05 31.96 17.31
CA ARG D 213 -8.78 33.17 16.93
C ARG D 213 -10.22 32.84 16.57
N ARG E 3 5.12 -12.01 -36.70
CA ARG E 3 4.79 -11.17 -35.51
C ARG E 3 3.60 -10.25 -35.80
N PRO E 4 2.65 -10.18 -34.87
CA PRO E 4 1.53 -9.25 -35.05
C PRO E 4 1.98 -7.80 -34.94
N ALA E 5 1.22 -6.93 -35.60
CA ALA E 5 1.62 -5.53 -35.71
C ALA E 5 1.76 -4.88 -34.34
N LEU E 6 0.83 -5.16 -33.43
CA LEU E 6 0.87 -4.53 -32.11
C LEU E 6 2.16 -4.88 -31.37
N LEU E 7 2.55 -6.16 -31.41
CA LEU E 7 3.76 -6.58 -30.72
C LEU E 7 5.00 -5.95 -31.34
N ARG E 8 5.06 -5.90 -32.67
CA ARG E 8 6.18 -5.26 -33.35
C ARG E 8 6.29 -3.79 -32.93
N LEU E 9 5.16 -3.09 -32.92
CA LEU E 9 5.19 -1.67 -32.55
C LEU E 9 5.62 -1.48 -31.10
N SER E 10 5.09 -2.32 -30.20
CA SER E 10 5.45 -2.20 -28.79
C SER E 10 6.94 -2.43 -28.59
N ASP E 11 7.51 -3.44 -29.26
CA ASP E 11 8.94 -3.66 -29.17
C ASP E 11 9.72 -2.47 -29.73
N TYR E 12 9.38 -2.06 -30.95
CA TYR E 12 10.08 -0.94 -31.58
C TYR E 12 10.07 0.29 -30.69
N LEU E 13 8.99 0.50 -29.95
CA LEU E 13 8.87 1.68 -29.11
C LEU E 13 9.64 1.53 -27.79
N LEU E 14 9.38 0.46 -27.06
CA LEU E 14 9.84 0.35 -25.68
C LEU E 14 11.19 -0.32 -25.53
N THR E 15 11.77 -0.91 -26.58
CA THR E 15 13.07 -1.53 -26.46
C THR E 15 14.21 -0.51 -26.48
N ASN E 16 13.95 0.70 -26.97
CA ASN E 16 14.97 1.75 -27.02
C ASN E 16 14.44 3.00 -26.33
N TYR E 17 13.82 2.82 -25.16
CA TYR E 17 13.19 3.92 -24.44
C TYR E 17 13.30 3.64 -22.95
N ARG E 18 13.54 4.71 -22.19
CA ARG E 18 13.61 4.66 -20.74
C ARG E 18 12.82 5.80 -20.14
N LYS E 19 12.19 5.51 -19.00
CA LYS E 19 11.17 6.37 -18.42
C LYS E 19 11.72 7.48 -17.54
N GLY E 20 13.02 7.46 -17.23
CA GLY E 20 13.56 8.45 -16.31
C GLY E 20 13.57 9.86 -16.87
N VAL E 21 13.91 9.99 -18.16
CA VAL E 21 14.16 11.31 -18.74
C VAL E 21 12.85 11.95 -19.19
N ARG E 22 12.87 13.27 -19.29
CA ARG E 22 11.75 13.99 -19.88
C ARG E 22 11.76 13.78 -21.39
N PRO E 23 10.65 13.35 -21.99
CA PRO E 23 10.67 12.94 -23.42
C PRO E 23 10.66 14.11 -24.41
N VAL E 24 11.84 14.68 -24.61
CA VAL E 24 12.03 15.76 -25.58
C VAL E 24 13.37 15.54 -26.29
N ARG E 25 13.37 15.76 -27.61
CA ARG E 25 14.60 15.67 -28.37
C ARG E 25 15.61 16.72 -27.94
N ASP E 26 15.14 17.94 -27.70
CA ASP E 26 15.98 19.06 -27.28
C ASP E 26 15.57 19.46 -25.86
N TRP E 27 16.54 19.44 -24.94
CA TRP E 27 16.25 19.78 -23.55
C TRP E 27 15.85 21.24 -23.39
N ARG E 28 16.11 22.08 -24.39
CA ARG E 28 15.85 23.51 -24.27
C ARG E 28 14.37 23.87 -24.41
N LYS E 29 13.51 22.90 -24.77
CA LYS E 29 12.10 23.18 -24.97
C LYS E 29 11.28 22.57 -23.84
N PRO E 30 10.25 23.27 -23.35
CA PRO E 30 9.41 22.70 -22.30
C PRO E 30 8.45 21.66 -22.82
N THR E 31 7.94 20.85 -21.89
CA THR E 31 6.97 19.81 -22.20
C THR E 31 5.58 20.32 -21.83
N THR E 32 4.85 20.80 -22.83
CA THR E 32 3.53 21.36 -22.60
C THR E 32 2.52 20.25 -22.30
N VAL E 33 1.75 20.43 -21.25
CA VAL E 33 0.74 19.47 -20.83
C VAL E 33 -0.62 20.17 -20.84
N SER E 34 -1.57 19.57 -21.54
CA SER E 34 -2.94 20.09 -21.60
C SER E 34 -3.83 19.23 -20.73
N ILE E 35 -4.57 19.87 -19.81
CA ILE E 35 -5.38 19.16 -18.83
C ILE E 35 -6.83 19.60 -18.96
N ASP E 36 -7.72 18.75 -18.44
CA ASP E 36 -9.14 19.05 -18.40
C ASP E 36 -9.72 18.45 -17.13
N VAL E 37 -10.77 19.08 -16.62
CA VAL E 37 -11.40 18.68 -15.37
C VAL E 37 -12.91 18.62 -15.57
N ILE E 38 -13.51 17.51 -15.17
CA ILE E 38 -14.96 17.34 -15.15
C ILE E 38 -15.36 16.87 -13.76
N VAL E 39 -16.32 17.56 -13.16
CA VAL E 39 -16.75 17.25 -11.79
C VAL E 39 -17.87 16.23 -11.87
N TYR E 40 -17.59 15.01 -11.43
CA TYR E 40 -18.57 13.93 -11.51
C TYR E 40 -19.52 13.93 -10.32
N ALA E 41 -19.04 14.35 -9.15
CA ALA E 41 -19.89 14.39 -7.97
C ALA E 41 -19.17 15.17 -6.87
N ILE E 42 -19.96 15.62 -5.89
CA ILE E 42 -19.45 16.29 -4.71
C ILE E 42 -19.91 15.47 -3.52
N LEU E 43 -19.04 14.56 -3.06
CA LEU E 43 -19.47 13.58 -2.05
C LEU E 43 -19.76 14.25 -0.71
N ASN E 44 -18.90 15.15 -0.26
CA ASN E 44 -19.04 15.73 1.06
C ASN E 44 -18.46 17.14 1.10
N VAL E 45 -19.10 18.01 1.86
CA VAL E 45 -18.62 19.36 2.13
C VAL E 45 -18.63 19.54 3.64
N ASP E 46 -17.45 19.55 4.25
CA ASP E 46 -17.30 19.59 5.69
C ASP E 46 -16.94 21.00 6.12
N GLU E 47 -17.90 21.71 6.72
CA GLU E 47 -17.61 23.03 7.27
C GLU E 47 -16.81 22.93 8.57
N LYS E 48 -17.02 21.85 9.33
CA LYS E 48 -16.31 21.68 10.59
C LYS E 48 -14.80 21.62 10.36
N ASN E 49 -14.36 20.75 9.46
CA ASN E 49 -12.95 20.58 9.15
C ASN E 49 -12.49 21.47 8.00
N GLN E 50 -13.39 22.24 7.39
CA GLN E 50 -13.04 23.13 6.29
C GLN E 50 -12.44 22.37 5.12
N VAL E 51 -13.01 21.19 4.82
CA VAL E 51 -12.59 20.39 3.67
C VAL E 51 -13.83 19.91 2.94
N LEU E 52 -13.68 19.71 1.63
CA LEU E 52 -14.73 19.13 0.81
C LEU E 52 -14.13 18.07 -0.10
N THR E 53 -14.95 17.07 -0.42
CA THR E 53 -14.53 15.96 -1.27
C THR E 53 -15.19 16.09 -2.64
N THR E 54 -14.39 15.96 -3.69
CA THR E 54 -14.88 16.04 -5.06
C THR E 54 -14.38 14.83 -5.84
N TYR E 55 -15.30 14.13 -6.50
CA TYR E 55 -14.99 13.03 -7.38
C TYR E 55 -15.03 13.60 -8.80
N ILE E 56 -13.86 13.86 -9.36
CA ILE E 56 -13.72 14.54 -10.65
C ILE E 56 -13.01 13.60 -11.62
N TRP E 57 -13.45 13.63 -12.87
CA TRP E 57 -12.80 12.89 -13.95
C TRP E 57 -11.72 13.77 -14.57
N TYR E 58 -10.47 13.32 -14.47
CA TYR E 58 -9.32 14.10 -14.90
C TYR E 58 -8.69 13.44 -16.11
N ARG E 59 -8.44 14.23 -17.15
CA ARG E 59 -7.74 13.77 -18.33
C ARG E 59 -6.71 14.80 -18.75
N GLN E 60 -5.58 14.31 -19.28
CA GLN E 60 -4.50 15.18 -19.71
C GLN E 60 -3.78 14.50 -20.87
N TYR E 61 -3.08 15.32 -21.66
CA TYR E 61 -2.29 14.78 -22.75
C TYR E 61 -1.02 15.61 -22.94
N TRP E 62 0.01 14.95 -23.44
CA TRP E 62 1.28 15.59 -23.72
C TRP E 62 1.96 14.85 -24.86
N THR E 63 3.09 15.39 -25.30
CA THR E 63 3.81 14.87 -26.45
C THR E 63 5.10 14.20 -26.01
N ASP E 64 5.24 12.92 -26.34
CA ASP E 64 6.49 12.18 -26.15
C ASP E 64 7.20 12.12 -27.49
N GLU E 65 8.27 12.90 -27.64
CA GLU E 65 8.99 12.98 -28.91
C GLU E 65 9.71 11.68 -29.25
N PHE E 66 9.86 10.77 -28.29
CA PHE E 66 10.47 9.47 -28.56
C PHE E 66 9.45 8.42 -28.99
N LEU E 67 8.23 8.53 -28.49
CA LEU E 67 7.20 7.52 -28.71
C LEU E 67 6.35 7.83 -29.94
N GLN E 68 7.03 7.98 -31.09
CA GLN E 68 6.37 8.29 -32.35
C GLN E 68 6.84 7.32 -33.42
N TRP E 69 5.97 7.07 -34.40
CA TRP E 69 6.25 6.09 -35.44
C TRP E 69 5.46 6.47 -36.68
N ASN E 70 5.82 5.83 -37.80
CA ASN E 70 5.11 6.02 -39.06
C ASN E 70 4.14 4.86 -39.26
N PRO E 71 2.83 5.11 -39.30
CA PRO E 71 1.88 3.97 -39.25
C PRO E 71 2.06 2.95 -40.36
N GLU E 72 2.39 3.38 -41.58
CA GLU E 72 2.41 2.45 -42.70
C GLU E 72 3.45 1.35 -42.53
N ASP E 73 4.39 1.49 -41.60
CA ASP E 73 5.34 0.43 -41.30
C ASP E 73 4.83 -0.55 -40.24
N PHE E 74 3.68 -0.28 -39.64
CA PHE E 74 3.12 -1.10 -38.56
C PHE E 74 1.64 -1.37 -38.80
N ASP E 75 1.31 -1.78 -40.02
CA ASP E 75 -0.07 -2.13 -40.37
C ASP E 75 -1.03 -0.98 -40.11
N ASN E 76 -0.58 0.24 -40.40
CA ASN E 76 -1.42 1.43 -40.29
C ASN E 76 -2.01 1.59 -38.90
N ILE E 77 -1.23 1.25 -37.88
CA ILE E 77 -1.65 1.45 -36.50
C ILE E 77 -1.51 2.93 -36.14
N THR E 78 -2.63 3.59 -35.90
CA THR E 78 -2.62 5.02 -35.58
C THR E 78 -2.55 5.29 -34.09
N LYS E 79 -3.05 4.37 -33.27
CA LYS E 79 -2.98 4.53 -31.82
C LYS E 79 -2.98 3.16 -31.15
N LEU E 80 -2.38 3.10 -29.98
CA LEU E 80 -2.31 1.88 -29.20
C LEU E 80 -2.19 2.24 -27.72
N SER E 81 -2.43 1.25 -26.87
CA SER E 81 -2.42 1.44 -25.42
C SER E 81 -1.29 0.62 -24.81
N ILE E 82 -0.55 1.25 -23.89
CA ILE E 82 0.52 0.58 -23.16
C ILE E 82 0.47 1.03 -21.71
N PRO E 83 1.07 0.26 -20.80
CA PRO E 83 0.96 0.59 -19.38
C PRO E 83 1.51 1.97 -19.08
N THR E 84 0.86 2.65 -18.13
CA THR E 84 1.27 4.00 -17.76
C THR E 84 2.62 4.01 -17.06
N ASP E 85 2.98 2.92 -16.40
CA ASP E 85 4.24 2.83 -15.67
C ASP E 85 5.43 2.52 -16.57
N SER E 86 5.21 2.34 -17.86
CA SER E 86 6.28 2.06 -18.81
C SER E 86 6.76 3.30 -19.55
N ILE E 87 6.22 4.48 -19.21
CA ILE E 87 6.56 5.73 -19.90
C ILE E 87 6.71 6.84 -18.88
N TRP E 88 7.27 7.95 -19.33
CA TRP E 88 7.36 9.14 -18.49
C TRP E 88 5.98 9.77 -18.31
N VAL E 89 5.69 10.17 -17.08
CA VAL E 89 4.41 10.78 -16.75
C VAL E 89 4.67 12.05 -15.94
N PRO E 90 4.09 13.18 -16.32
CA PRO E 90 4.37 14.43 -15.58
C PRO E 90 3.88 14.35 -14.15
N ASP E 91 4.62 15.01 -13.26
CA ASP E 91 4.25 15.07 -11.85
C ASP E 91 3.28 16.22 -11.62
N ILE E 92 2.19 16.26 -12.38
CA ILE E 92 1.19 17.32 -12.26
C ILE E 92 0.29 16.94 -11.08
N LEU E 93 0.48 17.61 -9.95
CA LEU E 93 -0.21 17.30 -8.71
C LEU E 93 -1.03 18.49 -8.26
N ILE E 94 -2.17 18.19 -7.63
CA ILE E 94 -3.09 19.21 -7.15
C ILE E 94 -2.66 19.63 -5.74
N ASN E 95 -2.36 20.91 -5.57
CA ASN E 95 -2.09 21.43 -4.25
C ASN E 95 -3.39 21.52 -3.45
N GLU E 96 -3.29 22.05 -2.23
CA GLU E 96 -4.43 22.19 -1.33
C GLU E 96 -5.05 20.85 -0.96
N PHE E 97 -4.39 19.74 -1.28
CA PHE E 97 -4.96 18.44 -1.04
C PHE E 97 -4.72 18.02 0.42
N VAL E 98 -5.62 17.16 0.90
CA VAL E 98 -5.48 16.56 2.22
C VAL E 98 -5.51 15.04 2.20
N ASP E 99 -6.05 14.42 1.15
CA ASP E 99 -6.04 12.97 1.02
C ASP E 99 -6.37 12.62 -0.42
N VAL E 100 -5.49 11.83 -1.06
CA VAL E 100 -5.68 11.39 -2.43
C VAL E 100 -5.55 9.88 -2.57
N GLY E 101 -5.31 9.15 -1.49
CA GLY E 101 -5.10 7.71 -1.57
C GLY E 101 -6.29 6.95 -2.12
N LYS E 102 -7.49 7.51 -2.04
CA LYS E 102 -8.68 6.85 -2.53
C LYS E 102 -8.68 6.67 -4.05
N SER E 103 -7.81 7.38 -4.76
CA SER E 103 -7.79 7.32 -6.22
C SER E 103 -7.06 6.06 -6.68
N PRO E 104 -7.69 5.20 -7.49
CA PRO E 104 -6.97 4.05 -8.03
C PRO E 104 -6.05 4.44 -9.18
N ASN E 105 -4.96 3.69 -9.30
CA ASN E 105 -3.99 3.94 -10.35
C ASN E 105 -4.44 3.25 -11.64
N ILE E 106 -4.68 4.03 -12.68
CA ILE E 106 -5.13 3.46 -13.96
C ILE E 106 -3.95 2.79 -14.64
N PRO E 107 -4.11 1.56 -15.18
CA PRO E 107 -2.93 0.88 -15.75
C PRO E 107 -2.46 1.47 -17.07
N TYR E 108 -3.38 1.78 -17.99
CA TYR E 108 -3.02 2.02 -19.38
C TYR E 108 -3.21 3.49 -19.75
N VAL E 109 -2.50 3.89 -20.81
CA VAL E 109 -2.63 5.21 -21.41
C VAL E 109 -2.62 5.05 -22.91
N TYR E 110 -3.43 5.86 -23.60
CA TYR E 110 -3.47 5.83 -25.05
C TYR E 110 -2.33 6.65 -25.63
N ILE E 111 -1.83 6.19 -26.78
CA ILE E 111 -0.72 6.84 -27.48
C ILE E 111 -1.02 6.85 -28.96
N ARG E 112 -0.69 7.96 -29.62
CA ARG E 112 -0.93 8.15 -31.03
C ARG E 112 0.39 8.31 -31.77
N HIS E 113 0.37 8.01 -33.07
CA HIS E 113 1.60 7.93 -33.84
C HIS E 113 2.35 9.25 -33.93
N GLN E 114 1.69 10.37 -33.61
CA GLN E 114 2.38 11.65 -33.59
C GLN E 114 3.30 11.77 -32.38
N GLY E 115 3.16 10.90 -31.39
CA GLY E 115 3.84 11.04 -30.12
C GLY E 115 2.95 11.52 -29.00
N GLU E 116 1.70 11.86 -29.30
CA GLU E 116 0.78 12.36 -28.27
C GLU E 116 0.39 11.23 -27.32
N VAL E 117 0.43 11.52 -26.04
CA VAL E 117 0.03 10.58 -24.99
C VAL E 117 -1.22 11.13 -24.31
N GLN E 118 -2.24 10.29 -24.17
CA GLN E 118 -3.49 10.66 -23.52
C GLN E 118 -3.66 9.81 -22.27
N ASN E 119 -3.86 10.46 -21.14
CA ASN E 119 -4.01 9.78 -19.85
C ASN E 119 -5.34 10.19 -19.22
N TYR E 120 -6.22 9.21 -19.03
CA TYR E 120 -7.50 9.42 -18.36
C TYR E 120 -7.44 8.73 -17.01
N LYS E 121 -7.75 9.47 -15.95
CA LYS E 121 -7.69 8.92 -14.60
C LYS E 121 -8.75 9.57 -13.74
N PRO E 122 -9.28 8.87 -12.74
CA PRO E 122 -10.18 9.49 -11.77
C PRO E 122 -9.43 10.03 -10.57
N LEU E 123 -10.04 11.02 -9.92
CA LEU E 123 -9.46 11.65 -8.75
C LEU E 123 -10.51 11.71 -7.65
N GLN E 124 -10.20 11.13 -6.50
CA GLN E 124 -11.05 11.16 -5.31
C GLN E 124 -10.48 12.12 -4.27
N VAL E 125 -9.94 13.24 -4.72
CA VAL E 125 -9.17 14.13 -3.86
C VAL E 125 -10.10 14.87 -2.91
N VAL E 126 -9.65 15.04 -1.68
CA VAL E 126 -10.28 15.93 -0.70
C VAL E 126 -9.33 17.10 -0.49
N THR E 127 -9.87 18.31 -0.59
CA THR E 127 -9.08 19.53 -0.56
C THR E 127 -9.46 20.39 0.63
N ALA E 128 -8.49 21.14 1.13
CA ALA E 128 -8.71 22.07 2.24
C ALA E 128 -8.93 23.47 1.68
N CYS E 129 -10.09 24.05 1.96
CA CYS E 129 -10.39 25.40 1.51
C CYS E 129 -11.36 26.03 2.49
N SER E 130 -11.43 27.37 2.44
CA SER E 130 -12.25 28.12 3.39
C SER E 130 -13.72 27.95 3.03
N LEU E 131 -14.52 27.48 3.99
CA LEU E 131 -15.95 27.29 3.81
C LEU E 131 -16.67 28.00 4.95
N ASP E 132 -17.30 29.13 4.64
CA ASP E 132 -18.06 29.87 5.63
C ASP E 132 -19.52 29.44 5.62
N ILE E 133 -20.13 29.46 6.80
CA ILE E 133 -21.51 29.01 6.97
C ILE E 133 -22.38 30.20 7.33
N TYR E 134 -21.96 31.39 6.87
CA TYR E 134 -22.69 32.61 7.20
C TYR E 134 -24.11 32.58 6.63
N ASN E 135 -24.27 32.11 5.40
CA ASN E 135 -25.55 32.09 4.71
C ASN E 135 -26.11 30.66 4.66
N PHE E 136 -26.01 29.94 5.77
CA PHE E 136 -26.28 28.50 5.83
C PHE E 136 -27.49 28.09 5.01
N PRO E 137 -28.69 28.66 5.25
CA PRO E 137 -29.87 28.17 4.53
C PRO E 137 -29.73 28.28 3.03
N PHE E 138 -29.08 29.35 2.54
CA PHE E 138 -28.86 29.59 1.12
C PHE E 138 -27.39 29.80 0.85
N ASP E 139 -26.55 28.97 1.46
CA ASP E 139 -25.11 29.16 1.39
C ASP E 139 -24.59 28.89 -0.02
N VAL E 140 -23.60 29.69 -0.43
CA VAL E 140 -22.88 29.48 -1.68
C VAL E 140 -21.39 29.47 -1.35
N GLN E 141 -20.70 28.43 -1.78
CA GLN E 141 -19.30 28.22 -1.47
C GLN E 141 -18.45 28.36 -2.72
N ASN E 142 -17.16 28.65 -2.51
CA ASN E 142 -16.21 28.90 -3.60
C ASN E 142 -14.89 28.25 -3.21
N CYS E 143 -14.69 27.01 -3.64
CA CYS E 143 -13.47 26.26 -3.38
C CYS E 143 -12.69 26.09 -4.68
N SER E 144 -11.38 25.94 -4.56
CA SER E 144 -10.49 25.97 -5.72
C SER E 144 -9.63 24.71 -5.76
N LEU E 145 -9.38 24.24 -6.99
CA LEU E 145 -8.41 23.20 -7.26
C LEU E 145 -7.32 23.79 -8.17
N THR E 146 -6.07 23.67 -7.74
CA THR E 146 -4.93 24.19 -8.50
C THR E 146 -4.02 23.01 -8.85
N PHE E 147 -3.84 22.78 -10.16
CA PHE E 147 -2.99 21.72 -10.66
C PHE E 147 -1.67 22.32 -11.10
N THR E 148 -0.56 21.73 -10.64
CA THR E 148 0.76 22.26 -10.95
C THR E 148 1.75 21.12 -11.11
N SER E 149 2.79 21.38 -11.89
CA SER E 149 3.96 20.51 -11.90
C SER E 149 4.69 20.70 -10.59
N TRP E 150 4.60 19.70 -9.71
CA TRP E 150 5.07 19.88 -8.33
C TRP E 150 6.52 20.32 -8.28
N LEU E 151 7.38 19.65 -9.06
CA LEU E 151 8.81 19.92 -9.04
C LEU E 151 9.26 20.73 -10.25
N HIS E 152 8.86 20.32 -11.46
CA HIS E 152 9.38 20.95 -12.67
C HIS E 152 8.91 22.39 -12.77
N THR E 153 9.82 23.26 -13.22
CA THR E 153 9.52 24.66 -13.44
C THR E 153 8.80 24.83 -14.77
N ILE E 154 8.43 26.07 -15.08
CA ILE E 154 7.74 26.35 -16.34
C ILE E 154 8.64 26.02 -17.52
N GLN E 155 9.95 26.18 -17.37
CA GLN E 155 10.87 25.90 -18.46
C GLN E 155 10.97 24.41 -18.77
N ASP E 156 10.42 23.55 -17.91
CA ASP E 156 10.39 22.11 -18.15
C ASP E 156 8.98 21.59 -18.41
N ILE E 157 8.01 22.01 -17.62
CA ILE E 157 6.62 21.58 -17.77
C ILE E 157 5.73 22.81 -17.73
N ASN E 158 4.82 22.93 -18.70
CA ASN E 158 3.82 23.98 -18.73
C ASN E 158 2.44 23.36 -18.86
N ILE E 159 1.44 24.03 -18.29
CA ILE E 159 0.10 23.50 -18.18
C ILE E 159 -0.84 24.37 -18.99
N SER E 160 -1.70 23.73 -19.79
CA SER E 160 -2.67 24.42 -20.62
C SER E 160 -4.01 23.69 -20.53
N LEU E 161 -5.01 24.25 -21.19
CA LEU E 161 -6.36 23.68 -21.19
C LEU E 161 -6.58 22.82 -22.42
N TRP E 162 -7.18 21.66 -22.21
CA TRP E 162 -7.58 20.81 -23.33
C TRP E 162 -8.69 21.46 -24.14
N ARG E 163 -9.74 21.92 -23.47
CA ARG E 163 -10.89 22.54 -24.10
C ARG E 163 -10.84 24.06 -23.87
N LEU E 164 -11.73 24.76 -24.56
CA LEU E 164 -11.83 26.19 -24.38
C LEU E 164 -12.36 26.51 -22.98
N PRO E 165 -11.96 27.63 -22.39
CA PRO E 165 -12.37 27.90 -21.01
C PRO E 165 -13.88 27.95 -20.80
N GLU E 166 -14.61 28.50 -21.77
CA GLU E 166 -16.06 28.65 -21.58
C GLU E 166 -16.77 27.30 -21.63
N LYS E 167 -16.29 26.37 -22.45
CA LYS E 167 -16.93 25.06 -22.53
C LYS E 167 -16.77 24.28 -21.23
N VAL E 168 -15.60 24.38 -20.59
CA VAL E 168 -15.38 23.70 -19.32
C VAL E 168 -15.97 24.47 -18.14
N LYS E 169 -16.17 25.79 -18.28
CA LYS E 169 -16.77 26.57 -17.21
C LYS E 169 -18.23 26.24 -17.00
N SER E 170 -18.91 25.72 -18.01
CA SER E 170 -20.32 25.39 -17.91
C SER E 170 -20.55 23.92 -18.23
N ASP E 171 -19.72 23.05 -17.67
CA ASP E 171 -19.77 21.61 -17.93
C ASP E 171 -20.46 20.92 -16.76
N ARG E 172 -21.72 20.56 -16.96
CA ARG E 172 -22.49 19.75 -16.02
C ARG E 172 -22.99 18.48 -16.69
N SER E 173 -22.22 17.98 -17.66
CA SER E 173 -22.71 16.94 -18.54
C SER E 173 -22.75 15.57 -17.85
N VAL E 174 -21.92 15.34 -16.85
CA VAL E 174 -21.85 14.04 -16.19
C VAL E 174 -22.00 14.22 -14.68
N PHE E 175 -22.37 15.41 -14.24
CA PHE E 175 -22.51 15.68 -12.82
C PHE E 175 -23.64 14.85 -12.22
N MET E 176 -23.41 14.32 -11.02
CA MET E 176 -24.46 13.64 -10.25
C MET E 176 -25.33 14.73 -9.62
N ASN E 177 -26.32 15.18 -10.38
CA ASN E 177 -27.15 16.32 -9.97
C ASN E 177 -28.35 15.85 -9.15
N GLN E 178 -28.05 15.16 -8.05
CA GLN E 178 -29.08 14.75 -7.11
C GLN E 178 -28.61 14.83 -5.66
N GLY E 179 -27.49 15.51 -5.40
CA GLY E 179 -26.97 15.66 -4.06
C GLY E 179 -27.42 16.95 -3.40
N GLU E 180 -26.89 17.17 -2.20
CA GLU E 180 -27.21 18.37 -1.45
C GLU E 180 -26.69 19.64 -2.12
N TRP E 181 -25.67 19.53 -2.96
CA TRP E 181 -25.01 20.67 -3.57
C TRP E 181 -25.23 20.67 -5.08
N GLU E 182 -25.33 21.88 -5.64
CA GLU E 182 -25.49 22.08 -7.07
C GLU E 182 -24.27 22.83 -7.60
N LEU E 183 -23.74 22.37 -8.72
CA LEU E 183 -22.54 22.94 -9.31
C LEU E 183 -22.93 24.08 -10.26
N LEU E 184 -22.45 25.28 -9.97
CA LEU E 184 -22.75 26.44 -10.81
C LEU E 184 -21.72 26.65 -11.91
N GLY E 185 -20.46 26.29 -11.67
CA GLY E 185 -19.45 26.44 -12.69
C GLY E 185 -18.09 25.98 -12.18
N VAL E 186 -17.18 25.76 -13.13
CA VAL E 186 -15.81 25.36 -12.83
C VAL E 186 -14.91 26.33 -13.60
N LEU E 187 -14.52 27.42 -12.95
CA LEU E 187 -13.81 28.49 -13.62
C LEU E 187 -12.31 28.20 -13.64
N PRO E 188 -11.67 28.10 -14.80
CA PRO E 188 -10.23 27.93 -14.84
C PRO E 188 -9.49 29.25 -14.71
N TYR E 189 -8.19 29.14 -14.43
CA TYR E 189 -7.34 30.31 -14.34
C TYR E 189 -5.87 29.90 -14.34
N PHE E 190 -5.06 30.55 -15.18
CA PHE E 190 -3.65 30.24 -15.31
C PHE E 190 -2.83 31.35 -14.66
N ARG E 191 -1.85 30.96 -13.85
CA ARG E 191 -1.00 31.91 -13.15
C ARG E 191 0.40 31.31 -13.02
N GLU E 192 1.41 32.16 -13.16
CA GLU E 192 2.79 31.75 -12.95
C GLU E 192 3.16 32.00 -11.49
N PHE E 193 3.47 30.93 -10.77
CA PHE E 193 3.75 30.98 -9.35
C PHE E 193 5.26 30.96 -9.12
N SER E 194 5.75 31.91 -8.35
CA SER E 194 7.18 32.05 -8.11
C SER E 194 7.40 32.56 -6.71
N MET E 195 8.33 31.91 -5.98
CA MET E 195 8.73 32.35 -4.65
C MET E 195 10.21 32.68 -4.60
N GLU E 196 11.07 31.81 -5.13
CA GLU E 196 12.47 32.12 -5.26
C GLU E 196 12.69 33.13 -6.39
N SER E 197 13.88 33.72 -6.41
CA SER E 197 14.16 34.80 -7.34
C SER E 197 14.38 34.33 -8.77
N SER E 198 14.43 33.03 -9.02
CA SER E 198 14.74 32.51 -10.35
C SER E 198 13.79 31.42 -10.83
N ASN E 199 12.96 30.84 -9.97
CA ASN E 199 12.12 29.70 -10.33
C ASN E 199 10.69 30.16 -10.54
N TYR E 200 10.12 29.82 -11.70
CA TYR E 200 8.72 30.07 -12.02
C TYR E 200 8.04 28.75 -12.31
N TYR E 201 6.90 28.52 -11.68
CA TYR E 201 6.12 27.30 -11.86
C TYR E 201 4.75 27.66 -12.42
N ALA E 202 4.26 26.83 -13.34
CA ALA E 202 2.97 27.04 -13.97
C ALA E 202 1.91 26.20 -13.28
N GLU E 203 0.79 26.84 -12.93
CA GLU E 203 -0.31 26.15 -12.28
C GLU E 203 -1.62 26.65 -12.87
N MET E 204 -2.65 25.83 -12.75
CA MET E 204 -3.97 26.12 -13.31
C MET E 204 -5.00 25.94 -12.21
N LYS E 205 -5.65 27.04 -11.83
CA LYS E 205 -6.63 27.04 -10.75
C LYS E 205 -8.03 26.83 -11.32
N PHE E 206 -8.75 25.87 -10.76
CA PHE E 206 -10.13 25.58 -11.11
C PHE E 206 -11.01 25.90 -9.91
N TYR E 207 -11.87 26.91 -10.04
CA TYR E 207 -12.77 27.32 -8.97
C TYR E 207 -14.10 26.57 -9.14
N VAL E 208 -14.41 25.68 -8.21
CA VAL E 208 -15.68 24.97 -8.21
C VAL E 208 -16.67 25.78 -7.39
N VAL E 209 -17.69 26.32 -8.07
CA VAL E 209 -18.69 27.17 -7.44
C VAL E 209 -19.93 26.32 -7.20
N ILE E 210 -20.39 26.26 -5.95
CA ILE E 210 -21.50 25.41 -5.55
C ILE E 210 -22.39 26.18 -4.58
N ARG E 211 -23.70 25.98 -4.71
CA ARG E 211 -24.67 26.57 -3.80
C ARG E 211 -25.57 25.48 -3.25
N ARG E 212 -25.90 25.58 -1.97
CA ARG E 212 -26.69 24.57 -1.30
C ARG E 212 -28.14 24.59 -1.80
N ARG E 213 -28.84 23.48 -1.54
CA ARG E 213 -30.24 23.35 -1.92
C ARG E 213 -30.94 22.33 -1.03
#